data_9GEZ
#
_entry.id   9GEZ
#
_cell.length_a   73.553
_cell.length_b   74.177
_cell.length_c   188.574
_cell.angle_alpha   90.00
_cell.angle_beta   90.00
_cell.angle_gamma   90.00
#
_symmetry.space_group_name_H-M   'P 21 21 21'
#
loop_
_entity.id
_entity.type
_entity.pdbx_description
1 polymer 'Thioredoxin reductase'
2 non-polymer 'FLAVIN-ADENINE DINUCLEOTIDE'
3 water water
#
_entity_poly.entity_id   1
_entity_poly.type   'polypeptide(L)'
_entity_poly.pdbx_seq_one_letter_code
;MKFTLVTILFLIFMKKAKIVMADLTFMYDLVVIGGGSGGMAAAKEAAKYGKKVALFDFVKPSTQGTKWGLGGTCVNVGCV
PKKLMHYSALIASSIHHDAQMSGHKTSSSFEWGKLVETLRNHIRMLNFSYRTGLRVGNVEYINALAKLIDPHSVEYEDNG
QKKTITSRYILLATGGRPSIPETVPGAIQYSITSDDIFFLSKSPGKTLVIGASYIGLETAGFLNELGFDTTVAMRSIPLR
GFDRQCSEKIVEYMKATGTKFLVGVVPINIEKVNENIKVSFSDGSVEEFETVLYATGRNPDVKGLNLNAIGVEVSDSGKI
IAPKDATSVPSIFAVGDIVEGRPELTPVAVKAGILLARRLFAGSNEFIDYDFVPTTVFTPIEYGHVGLSSEAAIAKYGED
DIEEYLSEFSTLEIAAAHREKPEHLRENEMDFALPLNCLAKLVVVKSQGEKVVGFHFVGPNAGEITQGFSLAVKLGATKK
DFDDMIGIHPTDAEVFGILEVTKRSGESFVSSGGCGGGKCG
;
_entity_poly.pdbx_strand_id   A,B
#
loop_
_chem_comp.id
_chem_comp.type
_chem_comp.name
_chem_comp.formula
FAD non-polymer 'FLAVIN-ADENINE DINUCLEOTIDE' 'C27 H33 N9 O15 P2'
#
# COMPACT_ATOMS: atom_id res chain seq x y z
N THR A 25 -0.22 49.55 -7.21
CA THR A 25 -1.04 50.72 -6.76
C THR A 25 -2.18 50.23 -5.87
N PHE A 26 -2.07 49.01 -5.33
CA PHE A 26 -3.07 48.29 -4.50
C PHE A 26 -2.40 47.89 -3.18
N MET A 27 -3.19 47.77 -2.11
CA MET A 27 -2.68 47.52 -0.73
C MET A 27 -1.95 46.17 -0.69
N TYR A 28 -2.39 45.19 -1.49
CA TYR A 28 -1.83 43.81 -1.54
C TYR A 28 -1.53 43.37 -2.99
N ASP A 29 -0.67 42.36 -3.11
CA ASP A 29 -0.41 41.61 -4.38
C ASP A 29 -1.44 40.48 -4.54
N LEU A 30 -1.92 39.89 -3.45
CA LEU A 30 -2.84 38.72 -3.50
C LEU A 30 -3.64 38.56 -2.19
N VAL A 31 -4.98 38.56 -2.29
CA VAL A 31 -5.94 38.22 -1.20
C VAL A 31 -6.55 36.85 -1.52
N VAL A 32 -6.80 36.02 -0.50
CA VAL A 32 -7.39 34.67 -0.69
C VAL A 32 -8.59 34.56 0.27
N ILE A 33 -9.76 34.36 -0.29
CA ILE A 33 -11.02 34.16 0.49
C ILE A 33 -11.30 32.66 0.55
N GLY A 34 -10.81 32.01 1.61
CA GLY A 34 -10.96 30.58 1.87
C GLY A 34 -9.69 29.98 2.45
N GLY A 35 -9.74 29.52 3.70
CA GLY A 35 -8.61 28.83 4.38
C GLY A 35 -8.72 27.33 4.23
N GLY A 36 -8.82 26.86 2.99
CA GLY A 36 -8.86 25.42 2.64
C GLY A 36 -7.56 24.97 1.99
N SER A 37 -7.52 23.72 1.56
CA SER A 37 -6.36 23.08 0.93
C SER A 37 -5.84 23.96 -0.20
N GLY A 38 -6.65 24.17 -1.24
CA GLY A 38 -6.37 25.15 -2.33
C GLY A 38 -5.97 26.48 -1.73
N GLY A 39 -6.78 27.06 -0.85
CA GLY A 39 -6.56 28.40 -0.27
C GLY A 39 -5.17 28.57 0.31
N MET A 40 -4.85 27.84 1.37
CA MET A 40 -3.58 27.95 2.14
C MET A 40 -2.37 27.65 1.22
N ALA A 41 -2.52 26.79 0.22
CA ALA A 41 -1.41 26.40 -0.69
C ALA A 41 -0.98 27.61 -1.49
N ALA A 42 -1.93 28.26 -2.18
CA ALA A 42 -1.65 29.40 -3.10
C ALA A 42 -0.93 30.48 -2.29
N ALA A 43 -1.51 30.83 -1.13
CA ALA A 43 -1.02 31.80 -0.11
C ALA A 43 0.46 31.56 0.21
N LYS A 44 0.81 30.39 0.76
CA LYS A 44 2.18 29.99 1.17
C LYS A 44 3.15 30.01 -0.01
N GLU A 45 2.71 29.60 -1.21
CA GLU A 45 3.60 29.53 -2.41
C GLU A 45 3.84 30.97 -2.90
N ALA A 46 2.76 31.74 -3.03
CA ALA A 46 2.76 33.19 -3.33
C ALA A 46 3.72 33.94 -2.39
N ALA A 47 3.72 33.57 -1.09
CA ALA A 47 4.53 34.20 -0.03
C ALA A 47 6.01 33.82 -0.17
N LYS A 48 6.32 32.63 -0.71
CA LYS A 48 7.72 32.19 -1.00
C LYS A 48 8.39 33.12 -2.01
N TYR A 49 7.76 34.23 -2.41
CA TYR A 49 8.28 35.13 -3.49
C TYR A 49 8.27 36.59 -3.00
N GLY A 50 8.38 36.79 -1.67
CA GLY A 50 8.42 38.11 -1.03
C GLY A 50 7.16 38.93 -1.30
N LYS A 51 6.13 38.28 -1.85
CA LYS A 51 4.85 38.92 -2.27
C LYS A 51 3.91 38.95 -1.06
N LYS A 52 3.16 40.05 -0.94
CA LYS A 52 2.36 40.37 0.26
C LYS A 52 0.98 39.73 0.13
N VAL A 53 0.59 38.93 1.13
CA VAL A 53 -0.63 38.08 1.06
C VAL A 53 -1.51 38.28 2.29
N ALA A 54 -2.79 38.59 2.07
CA ALA A 54 -3.90 38.44 3.04
C ALA A 54 -4.60 37.09 2.78
N LEU A 55 -5.09 36.45 3.84
CA LEU A 55 -5.98 35.27 3.70
C LEU A 55 -7.17 35.35 4.66
N PHE A 56 -8.38 35.24 4.12
CA PHE A 56 -9.63 35.15 4.92
C PHE A 56 -10.03 33.69 5.10
N ASP A 57 -10.58 33.36 6.26
CA ASP A 57 -11.15 32.03 6.60
C ASP A 57 -11.98 32.18 7.86
N PHE A 58 -13.27 31.87 7.76
CA PHE A 58 -14.27 31.90 8.86
C PHE A 58 -15.23 30.74 8.61
N VAL A 59 -15.62 30.03 9.67
CA VAL A 59 -16.41 28.79 9.53
C VAL A 59 -17.87 29.10 9.88
N LYS A 60 -18.66 29.48 8.87
CA LYS A 60 -20.14 29.45 8.93
C LYS A 60 -20.55 28.14 9.59
N PRO A 61 -21.33 28.16 10.69
CA PRO A 61 -21.79 26.93 11.34
C PRO A 61 -22.70 26.09 10.41
N SER A 62 -22.56 24.76 10.48
CA SER A 62 -23.40 23.77 9.78
C SER A 62 -24.88 24.00 10.07
N THR A 63 -25.75 23.30 9.33
CA THR A 63 -27.23 23.26 9.53
C THR A 63 -27.59 22.66 10.89
N GLN A 64 -26.64 22.03 11.59
CA GLN A 64 -26.88 21.43 12.94
C GLN A 64 -26.04 22.15 13.99
N GLY A 65 -25.41 23.28 13.63
CA GLY A 65 -24.77 24.20 14.59
C GLY A 65 -23.29 23.89 14.79
N THR A 66 -22.78 22.83 14.14
CA THR A 66 -21.38 22.37 14.26
C THR A 66 -20.46 23.44 13.68
N LYS A 67 -19.29 23.65 14.29
CA LYS A 67 -18.27 24.61 13.81
C LYS A 67 -16.91 24.22 14.39
N TRP A 68 -15.84 24.77 13.80
CA TRP A 68 -14.44 24.27 13.88
C TRP A 68 -13.44 25.38 13.49
N GLY A 69 -12.14 25.06 13.45
CA GLY A 69 -11.05 26.04 13.22
C GLY A 69 -10.42 25.93 11.84
N LEU A 70 -9.19 26.46 11.70
CA LEU A 70 -8.46 26.64 10.42
C LEU A 70 -8.15 25.28 9.78
N GLY A 71 -7.99 25.29 8.44
CA GLY A 71 -7.53 24.14 7.65
C GLY A 71 -8.49 23.77 6.54
N GLY A 72 -9.78 24.08 6.72
CA GLY A 72 -10.81 23.89 5.67
C GLY A 72 -11.61 22.64 5.90
N THR A 73 -11.99 21.95 4.83
CA THR A 73 -12.93 20.80 4.87
C THR A 73 -12.12 19.51 5.03
N CYS A 74 -10.89 19.50 4.53
CA CYS A 74 -10.10 18.24 4.55
CA CYS A 74 -10.01 18.30 4.54
C CYS A 74 -9.58 18.01 5.98
N VAL A 75 -9.11 19.06 6.66
CA VAL A 75 -8.61 18.97 8.06
C VAL A 75 -9.79 18.66 8.98
N ASN A 76 -10.92 19.32 8.78
CA ASN A 76 -11.97 19.47 9.82
C ASN A 76 -13.06 18.41 9.66
N VAL A 77 -13.63 18.31 8.47
CA VAL A 77 -14.88 17.55 8.23
C VAL A 77 -14.76 16.85 6.89
N GLY A 78 -13.54 16.39 6.57
CA GLY A 78 -13.18 15.78 5.28
C GLY A 78 -12.19 14.66 5.44
N CYS A 79 -11.11 14.68 4.64
CA CYS A 79 -10.20 13.54 4.41
C CYS A 79 -9.55 13.18 5.75
N VAL A 80 -9.10 14.18 6.51
CA VAL A 80 -8.39 13.89 7.79
C VAL A 80 -9.32 13.05 8.67
N PRO A 81 -10.45 13.54 9.23
CA PRO A 81 -11.19 12.77 10.22
C PRO A 81 -11.63 11.44 9.63
N LYS A 82 -12.16 11.48 8.40
CA LYS A 82 -12.54 10.32 7.52
C LYS A 82 -11.61 9.13 7.72
N LYS A 83 -10.32 9.40 7.50
CA LYS A 83 -9.33 8.32 7.36
C LYS A 83 -9.19 7.71 8.76
N LEU A 84 -9.11 8.54 9.79
CA LEU A 84 -9.01 8.05 11.19
C LEU A 84 -10.25 7.20 11.52
N MET A 85 -11.43 7.59 11.03
CA MET A 85 -12.69 6.79 11.13
C MET A 85 -12.53 5.48 10.34
N HIS A 86 -11.94 5.52 9.14
CA HIS A 86 -11.75 4.31 8.29
C HIS A 86 -10.76 3.41 9.01
N TYR A 87 -9.70 4.00 9.56
CA TYR A 87 -8.58 3.27 10.20
C TYR A 87 -9.21 2.47 11.35
N SER A 88 -9.98 3.15 12.20
CA SER A 88 -10.68 2.57 13.37
C SER A 88 -11.71 1.52 12.94
N ALA A 89 -12.12 1.56 11.68
CA ALA A 89 -12.94 0.49 11.07
C ALA A 89 -11.99 -0.65 10.72
N LEU A 90 -11.06 -0.40 9.80
CA LEU A 90 -10.06 -1.41 9.32
C LEU A 90 -9.55 -2.17 10.55
N ILE A 91 -9.19 -1.47 11.64
CA ILE A 91 -8.77 -2.14 12.91
C ILE A 91 -9.86 -3.14 13.33
N ALA A 92 -11.09 -2.66 13.54
CA ALA A 92 -12.23 -3.43 14.11
C ALA A 92 -12.46 -4.70 13.30
N SER A 93 -12.34 -4.64 11.97
CA SER A 93 -12.44 -5.85 11.12
C SER A 93 -11.42 -6.87 11.61
N SER A 94 -10.12 -6.52 11.52
CA SER A 94 -9.02 -7.47 11.76
C SER A 94 -9.33 -8.11 13.10
N ILE A 95 -9.51 -7.30 14.15
CA ILE A 95 -9.98 -7.77 15.49
C ILE A 95 -11.02 -8.89 15.35
N HIS A 96 -12.12 -8.66 14.60
CA HIS A 96 -13.29 -9.56 14.47
C HIS A 96 -13.04 -10.74 13.52
N HIS A 97 -12.26 -10.54 12.46
CA HIS A 97 -12.01 -11.58 11.44
C HIS A 97 -10.67 -12.28 11.69
N ASP A 98 -9.62 -11.51 12.02
CA ASP A 98 -8.20 -11.90 11.84
C ASP A 98 -7.62 -12.27 13.22
N ALA A 99 -7.58 -11.34 14.16
CA ALA A 99 -6.90 -11.51 15.47
C ALA A 99 -6.68 -12.91 16.05
N GLN A 100 -7.72 -13.75 16.08
CA GLN A 100 -7.68 -15.16 16.60
C GLN A 100 -6.95 -16.07 15.59
N MET A 101 -7.22 -15.92 14.29
CA MET A 101 -6.69 -16.77 13.20
C MET A 101 -5.15 -16.62 13.18
N SER A 102 -4.65 -15.44 13.56
CA SER A 102 -3.21 -15.08 13.66
C SER A 102 -2.71 -15.43 15.05
N GLY A 103 -3.58 -16.03 15.87
CA GLY A 103 -3.26 -16.63 17.19
C GLY A 103 -3.36 -15.63 18.33
N HIS A 104 -4.13 -14.54 18.18
CA HIS A 104 -4.33 -13.44 19.18
C HIS A 104 -5.78 -13.47 19.72
N LYS A 105 -5.97 -13.96 20.96
CA LYS A 105 -7.32 -14.17 21.56
C LYS A 105 -7.73 -12.90 22.33
N THR A 106 -8.97 -12.41 22.11
CA THR A 106 -9.36 -10.98 22.28
C THR A 106 -10.79 -10.80 22.81
N SER A 107 -10.94 -9.96 23.85
CA SER A 107 -12.17 -9.18 24.14
C SER A 107 -11.92 -7.77 23.60
N SER A 108 -12.96 -7.08 23.19
CA SER A 108 -12.87 -5.66 22.78
C SER A 108 -14.27 -5.05 22.70
N SER A 109 -14.51 -3.96 23.42
CA SER A 109 -15.74 -3.14 23.29
C SER A 109 -15.33 -1.78 22.74
N PHE A 110 -16.29 -1.12 22.06
CA PHE A 110 -16.09 0.13 21.31
C PHE A 110 -16.84 1.31 21.95
N GLU A 111 -16.15 2.43 22.18
CA GLU A 111 -16.72 3.70 22.66
C GLU A 111 -16.42 4.82 21.65
N TRP A 112 -17.37 4.99 20.71
CA TRP A 112 -17.58 6.18 19.86
C TRP A 112 -16.85 7.35 20.53
N GLY A 113 -17.27 7.75 21.74
CA GLY A 113 -16.85 8.99 22.43
C GLY A 113 -15.33 9.21 22.46
N LYS A 114 -14.57 8.12 22.57
CA LYS A 114 -13.08 8.13 22.64
C LYS A 114 -12.49 8.30 21.23
N LEU A 115 -12.99 7.54 20.27
CA LEU A 115 -12.62 7.75 18.85
C LEU A 115 -12.77 9.25 18.56
N VAL A 116 -13.92 9.86 18.87
CA VAL A 116 -14.15 11.32 18.68
C VAL A 116 -12.95 12.06 19.29
N GLU A 117 -12.73 11.90 20.59
CA GLU A 117 -11.66 12.58 21.37
C GLU A 117 -10.35 12.52 20.60
N THR A 118 -9.95 11.34 20.13
CA THR A 118 -8.72 11.18 19.32
C THR A 118 -8.79 12.06 18.06
N LEU A 119 -9.92 12.11 17.34
CA LEU A 119 -10.15 13.02 16.17
C LEU A 119 -9.96 14.48 16.62
N ARG A 120 -10.87 14.97 17.47
CA ARG A 120 -10.88 16.41 17.84
C ARG A 120 -9.49 16.83 18.34
N ASN A 121 -8.80 15.99 19.12
CA ASN A 121 -7.48 16.35 19.71
C ASN A 121 -6.45 16.50 18.56
N HIS A 122 -6.43 15.59 17.59
CA HIS A 122 -5.50 15.61 16.45
C HIS A 122 -5.85 16.77 15.48
N ILE A 123 -7.15 16.96 15.22
CA ILE A 123 -7.66 18.06 14.33
C ILE A 123 -7.30 19.41 14.97
N ARG A 124 -7.54 19.56 16.28
CA ARG A 124 -7.16 20.78 17.05
C ARG A 124 -5.68 21.06 16.82
N MET A 125 -4.86 20.01 16.89
CA MET A 125 -3.40 20.10 16.69
C MET A 125 -3.15 20.78 15.34
N LEU A 126 -3.89 20.33 14.32
CA LEU A 126 -3.73 20.75 12.90
C LEU A 126 -4.23 22.18 12.73
N ASN A 127 -5.39 22.52 13.32
CA ASN A 127 -5.96 23.89 13.27
C ASN A 127 -4.86 24.87 13.69
N PHE A 128 -4.37 24.70 14.92
CA PHE A 128 -3.23 25.45 15.48
C PHE A 128 -2.03 25.33 14.53
N SER A 129 -1.51 24.10 14.38
CA SER A 129 -0.41 23.74 13.46
C SER A 129 -0.45 24.65 12.22
N TYR A 130 -1.62 24.82 11.60
CA TYR A 130 -1.79 25.52 10.30
C TYR A 130 -1.68 27.02 10.51
N ARG A 131 -2.43 27.62 11.45
CA ARG A 131 -2.31 29.07 11.80
C ARG A 131 -0.82 29.45 11.72
N THR A 132 0.00 28.68 12.44
CA THR A 132 1.45 28.89 12.65
C THR A 132 2.14 28.87 11.27
N GLY A 133 1.95 27.79 10.50
CA GLY A 133 2.51 27.64 9.14
C GLY A 133 2.27 28.84 8.24
N LEU A 134 1.13 29.53 8.39
CA LEU A 134 0.81 30.77 7.62
C LEU A 134 1.63 31.94 8.17
N ARG A 135 1.63 32.11 9.49
CA ARG A 135 2.43 33.17 10.17
C ARG A 135 3.90 33.00 9.75
N VAL A 136 4.43 31.79 9.88
CA VAL A 136 5.87 31.45 9.71
C VAL A 136 6.27 31.57 8.22
N GLY A 137 5.37 31.20 7.31
CA GLY A 137 5.52 31.44 5.86
C GLY A 137 5.12 32.86 5.48
N ASN A 138 4.85 33.71 6.49
CA ASN A 138 4.68 35.18 6.38
C ASN A 138 3.42 35.49 5.53
N VAL A 139 2.24 35.21 6.10
CA VAL A 139 0.91 35.36 5.44
C VAL A 139 -0.04 35.92 6.49
N GLU A 140 -0.83 36.94 6.15
CA GLU A 140 -1.74 37.61 7.12
C GLU A 140 -3.11 36.92 7.11
N TYR A 141 -3.28 35.92 7.98
CA TYR A 141 -4.56 35.24 8.25
C TYR A 141 -5.49 36.22 9.00
N ILE A 142 -6.75 36.29 8.58
CA ILE A 142 -7.84 37.01 9.28
C ILE A 142 -9.06 36.10 9.37
N ASN A 143 -9.52 35.81 10.60
CA ASN A 143 -10.69 34.95 10.89
C ASN A 143 -11.97 35.78 10.81
N ALA A 144 -12.57 35.85 9.62
CA ALA A 144 -13.65 36.81 9.26
C ALA A 144 -14.14 36.52 7.84
N LEU A 145 -15.43 36.74 7.58
CA LEU A 145 -16.04 36.59 6.22
C LEU A 145 -15.53 37.70 5.29
N ALA A 146 -15.19 37.35 4.05
CA ALA A 146 -14.89 38.33 2.97
C ALA A 146 -16.10 38.42 2.03
N LYS A 147 -16.17 39.51 1.27
CA LYS A 147 -17.26 39.80 0.31
C LYS A 147 -16.73 40.73 -0.79
N LEU A 148 -16.58 40.22 -2.01
CA LEU A 148 -16.04 40.95 -3.19
C LEU A 148 -16.75 42.31 -3.33
N ILE A 149 -15.97 43.39 -3.44
CA ILE A 149 -16.49 44.79 -3.53
C ILE A 149 -16.25 45.33 -4.95
N ASP A 150 -15.24 44.81 -5.66
CA ASP A 150 -14.96 45.12 -7.08
C ASP A 150 -13.71 44.38 -7.54
N PRO A 151 -13.42 44.33 -8.86
CA PRO A 151 -12.23 43.65 -9.39
C PRO A 151 -10.93 43.60 -8.57
N HIS A 152 -10.73 44.52 -7.62
CA HIS A 152 -9.47 44.61 -6.83
C HIS A 152 -9.72 44.90 -5.35
N SER A 153 -10.97 44.82 -4.87
CA SER A 153 -11.31 45.17 -3.47
C SER A 153 -12.17 44.07 -2.81
N VAL A 154 -12.08 43.97 -1.48
CA VAL A 154 -12.91 43.05 -0.63
C VAL A 154 -13.24 43.75 0.69
N GLU A 155 -14.36 43.33 1.29
CA GLU A 155 -14.94 43.89 2.53
C GLU A 155 -15.13 42.75 3.54
N TYR A 156 -14.71 42.99 4.78
CA TYR A 156 -14.90 42.09 5.93
C TYR A 156 -15.41 42.88 7.14
N GLU A 157 -15.54 42.21 8.29
CA GLU A 157 -15.89 42.82 9.60
C GLU A 157 -14.68 42.70 10.54
N ASP A 158 -14.45 43.76 11.33
CA ASP A 158 -13.34 43.89 12.31
C ASP A 158 -13.89 44.59 13.56
N ASN A 159 -14.10 43.82 14.64
CA ASN A 159 -14.77 44.27 15.90
C ASN A 159 -16.27 44.46 15.65
N GLY A 160 -16.78 44.02 14.49
CA GLY A 160 -18.15 44.31 14.02
C GLY A 160 -18.21 45.61 13.23
N GLN A 161 -17.04 46.16 12.85
CA GLN A 161 -16.89 47.40 12.04
C GLN A 161 -16.32 47.00 10.68
N LYS A 162 -17.04 47.30 9.59
CA LYS A 162 -16.73 46.82 8.22
C LYS A 162 -15.57 47.62 7.62
N LYS A 163 -14.45 46.93 7.34
CA LYS A 163 -13.22 47.52 6.72
C LYS A 163 -13.03 46.90 5.33
N THR A 164 -12.22 47.54 4.49
CA THR A 164 -12.00 47.19 3.07
C THR A 164 -10.50 47.26 2.75
N ILE A 165 -9.98 46.28 1.99
CA ILE A 165 -8.56 46.22 1.52
C ILE A 165 -8.55 45.97 0.00
N THR A 166 -7.43 46.24 -0.68
CA THR A 166 -7.29 46.22 -2.18
C THR A 166 -6.07 45.37 -2.60
N SER A 167 -6.20 44.62 -3.71
CA SER A 167 -5.20 43.63 -4.21
C SER A 167 -4.98 43.75 -5.73
N ARG A 168 -3.80 43.33 -6.20
CA ARG A 168 -3.48 43.25 -7.66
C ARG A 168 -4.23 42.07 -8.26
N TYR A 169 -4.20 40.94 -7.54
CA TYR A 169 -4.99 39.71 -7.84
C TYR A 169 -5.72 39.24 -6.58
N ILE A 170 -6.86 38.56 -6.77
CA ILE A 170 -7.69 37.92 -5.72
C ILE A 170 -7.96 36.47 -6.12
N LEU A 171 -7.91 35.55 -5.16
CA LEU A 171 -8.22 34.11 -5.37
C LEU A 171 -9.48 33.76 -4.60
N LEU A 172 -10.53 33.36 -5.31
CA LEU A 172 -11.72 32.72 -4.69
C LEU A 172 -11.41 31.24 -4.52
N ALA A 173 -11.73 30.68 -3.34
CA ALA A 173 -11.25 29.37 -2.86
C ALA A 173 -12.13 28.88 -1.71
N THR A 174 -13.43 29.16 -1.78
CA THR A 174 -14.33 29.26 -0.60
C THR A 174 -14.86 27.88 -0.18
N GLY A 175 -14.53 26.82 -0.92
CA GLY A 175 -15.12 25.48 -0.73
C GLY A 175 -16.64 25.50 -0.92
N GLY A 176 -17.29 24.34 -0.77
CA GLY A 176 -18.75 24.15 -0.76
C GLY A 176 -19.22 23.79 0.63
N ARG A 177 -20.50 23.45 0.81
CA ARG A 177 -21.04 22.75 2.01
C ARG A 177 -22.16 21.82 1.53
N PRO A 178 -22.61 20.87 2.38
CA PRO A 178 -23.64 19.90 2.01
C PRO A 178 -24.98 20.51 1.53
N SER A 179 -25.60 19.85 0.56
CA SER A 179 -26.97 20.08 0.06
C SER A 179 -27.95 19.10 0.71
N ILE A 180 -28.72 19.56 1.69
CA ILE A 180 -29.92 18.86 2.25
C ILE A 180 -31.17 19.29 1.47
N PRO A 181 -31.87 18.37 0.78
CA PRO A 181 -32.98 18.74 -0.10
C PRO A 181 -34.19 19.32 0.67
N GLU A 182 -34.70 20.47 0.22
CA GLU A 182 -35.74 21.29 0.92
C GLU A 182 -37.15 20.79 0.59
N THR A 183 -37.29 19.96 -0.45
CA THR A 183 -38.59 19.39 -0.90
C THR A 183 -38.98 18.21 0.01
N VAL A 184 -38.00 17.45 0.56
CA VAL A 184 -38.25 16.40 1.60
C VAL A 184 -38.42 17.05 2.98
N PRO A 185 -39.64 17.05 3.55
CA PRO A 185 -39.90 17.70 4.84
C PRO A 185 -39.41 16.96 6.09
N GLY A 186 -38.83 17.71 7.03
CA GLY A 186 -38.21 17.20 8.27
C GLY A 186 -36.74 16.83 8.05
N ALA A 187 -36.21 17.15 6.86
CA ALA A 187 -34.78 16.96 6.52
C ALA A 187 -33.94 17.96 7.34
N ILE A 188 -34.11 19.25 7.06
CA ILE A 188 -33.21 20.33 7.56
C ILE A 188 -33.22 20.30 9.08
N GLN A 189 -34.40 20.09 9.65
CA GLN A 189 -34.69 20.21 11.11
C GLN A 189 -33.95 19.12 11.89
N TYR A 190 -33.61 18.00 11.25
CA TYR A 190 -33.27 16.73 11.93
C TYR A 190 -31.98 16.14 11.34
N SER A 191 -32.03 15.68 10.08
CA SER A 191 -30.90 15.06 9.34
CA SER A 191 -30.89 15.05 9.36
C SER A 191 -29.57 15.75 9.71
N ILE A 192 -28.49 14.97 9.89
CA ILE A 192 -27.10 15.53 10.00
C ILE A 192 -26.44 15.48 8.62
N THR A 193 -25.20 15.98 8.54
CA THR A 193 -24.31 15.98 7.33
C THR A 193 -22.89 15.54 7.68
N SER A 194 -22.02 15.52 6.65
CA SER A 194 -20.57 15.20 6.73
C SER A 194 -19.90 16.11 7.75
N ASP A 195 -20.42 17.33 7.92
CA ASP A 195 -19.84 18.38 8.82
C ASP A 195 -20.04 18.03 10.30
N ASP A 196 -20.97 17.12 10.65
CA ASP A 196 -21.41 16.85 12.05
C ASP A 196 -20.97 15.45 12.52
N ILE A 197 -20.84 14.50 11.59
CA ILE A 197 -20.83 13.05 11.89
C ILE A 197 -19.50 12.65 12.56
N PHE A 198 -18.40 13.37 12.40
CA PHE A 198 -17.13 12.91 13.04
C PHE A 198 -17.17 13.23 14.55
N PHE A 199 -18.07 14.15 14.97
CA PHE A 199 -18.01 14.88 16.26
C PHE A 199 -19.32 14.79 17.04
N LEU A 200 -20.27 13.92 16.65
CA LEU A 200 -21.46 13.60 17.47
C LEU A 200 -20.93 13.16 18.84
N SER A 201 -21.26 13.89 19.91
CA SER A 201 -21.06 13.44 21.32
CA SER A 201 -21.04 13.43 21.32
C SER A 201 -21.84 12.14 21.56
N LYS A 202 -22.67 11.74 20.60
CA LYS A 202 -23.68 10.65 20.71
C LYS A 202 -23.51 9.65 19.56
N SER A 203 -23.27 8.37 19.89
CA SER A 203 -23.15 7.27 18.92
C SER A 203 -24.43 7.20 18.10
N PRO A 204 -24.36 7.31 16.76
CA PRO A 204 -25.53 7.57 15.92
C PRO A 204 -26.50 6.40 15.74
N GLY A 205 -26.11 5.20 16.22
CA GLY A 205 -26.96 4.00 16.31
C GLY A 205 -27.42 3.54 14.95
N LYS A 206 -28.60 2.94 14.86
CA LYS A 206 -29.27 2.55 13.59
C LYS A 206 -29.35 3.78 12.68
N THR A 207 -28.69 3.78 11.52
CA THR A 207 -28.39 5.00 10.72
C THR A 207 -28.69 4.78 9.24
N LEU A 208 -29.62 5.59 8.74
CA LEU A 208 -29.91 5.75 7.29
C LEU A 208 -28.89 6.75 6.75
N VAL A 209 -28.20 6.38 5.65
CA VAL A 209 -27.39 7.32 4.82
C VAL A 209 -28.08 7.40 3.46
N ILE A 210 -28.38 8.61 3.03
CA ILE A 210 -29.02 8.89 1.71
C ILE A 210 -27.94 9.40 0.77
N GLY A 211 -27.51 8.54 -0.14
CA GLY A 211 -26.35 8.79 -1.01
C GLY A 211 -25.63 7.49 -1.28
N ALA A 212 -25.29 7.24 -2.55
CA ALA A 212 -24.32 6.22 -3.00
C ALA A 212 -23.24 6.95 -3.79
N SER A 213 -22.92 8.16 -3.31
CA SER A 213 -21.74 8.97 -3.70
C SER A 213 -20.57 8.38 -2.94
N TYR A 214 -19.33 8.85 -3.20
CA TYR A 214 -18.10 8.35 -2.52
C TYR A 214 -18.30 8.56 -1.01
N ILE A 215 -18.80 9.73 -0.59
CA ILE A 215 -18.98 10.04 0.87
C ILE A 215 -19.93 9.01 1.46
N GLY A 216 -21.20 8.99 1.03
CA GLY A 216 -22.21 8.09 1.60
C GLY A 216 -21.64 6.69 1.74
N LEU A 217 -21.13 6.14 0.65
CA LEU A 217 -20.60 4.74 0.65
C LEU A 217 -19.55 4.65 1.75
N GLU A 218 -18.61 5.60 1.80
CA GLU A 218 -17.49 5.63 2.76
C GLU A 218 -18.09 5.65 4.17
N THR A 219 -18.93 6.65 4.46
CA THR A 219 -19.59 6.89 5.79
C THR A 219 -20.49 5.71 6.23
N ALA A 220 -21.32 5.15 5.36
CA ALA A 220 -22.08 3.93 5.69
C ALA A 220 -21.10 2.75 5.81
N GLY A 221 -19.87 2.95 5.32
CA GLY A 221 -18.80 1.95 5.41
C GLY A 221 -18.26 1.80 6.83
N PHE A 222 -18.00 2.90 7.53
CA PHE A 222 -17.29 2.80 8.82
C PHE A 222 -18.32 2.62 9.95
N LEU A 223 -19.48 3.27 9.86
CA LEU A 223 -20.62 2.99 10.78
C LEU A 223 -20.87 1.47 10.81
N ASN A 224 -20.99 0.82 9.65
CA ASN A 224 -21.23 -0.66 9.62
C ASN A 224 -20.04 -1.35 10.28
N GLU A 225 -18.88 -1.31 9.64
CA GLU A 225 -17.63 -1.91 10.17
C GLU A 225 -17.47 -1.67 11.69
N LEU A 226 -17.93 -0.53 12.22
CA LEU A 226 -17.88 -0.18 13.66
C LEU A 226 -19.12 -0.69 14.41
N GLY A 227 -20.02 -1.40 13.72
CA GLY A 227 -21.08 -2.23 14.33
C GLY A 227 -22.40 -1.51 14.59
N PHE A 228 -22.78 -0.53 13.76
CA PHE A 228 -24.10 0.16 13.79
C PHE A 228 -24.96 -0.29 12.61
N ASP A 229 -26.20 -0.70 12.88
CA ASP A 229 -27.21 -1.09 11.85
C ASP A 229 -27.14 0.07 10.84
N THR A 230 -26.63 -0.19 9.65
CA THR A 230 -26.40 0.83 8.60
C THR A 230 -27.15 0.45 7.31
N THR A 231 -28.14 1.26 6.94
CA THR A 231 -28.87 1.16 5.66
C THR A 231 -28.36 2.25 4.73
N VAL A 232 -28.37 2.04 3.41
CA VAL A 232 -28.01 3.06 2.38
C VAL A 232 -29.12 3.18 1.33
N ALA A 233 -29.56 4.42 1.07
CA ALA A 233 -30.66 4.77 0.15
C ALA A 233 -30.07 5.28 -1.18
N MET A 234 -30.12 4.43 -2.22
CA MET A 234 -29.47 4.62 -3.54
C MET A 234 -30.56 4.98 -4.57
N ARG A 235 -30.62 6.23 -5.03
CA ARG A 235 -31.73 6.64 -5.94
C ARG A 235 -31.65 5.80 -7.22
N SER A 236 -30.44 5.53 -7.75
CA SER A 236 -30.25 4.74 -9.01
C SER A 236 -29.07 3.77 -8.92
N ILE A 237 -27.86 4.26 -9.18
CA ILE A 237 -26.61 3.46 -9.31
C ILE A 237 -25.59 3.96 -8.30
N PRO A 238 -24.58 3.11 -7.96
CA PRO A 238 -23.54 3.46 -6.98
C PRO A 238 -22.38 4.19 -7.63
N LEU A 239 -21.95 5.30 -7.03
CA LEU A 239 -20.81 6.09 -7.55
C LEU A 239 -21.01 6.34 -9.04
N ARG A 240 -22.08 7.07 -9.41
CA ARG A 240 -22.23 7.61 -10.78
C ARG A 240 -20.90 8.23 -11.17
N GLY A 241 -20.44 7.97 -12.39
CA GLY A 241 -19.19 8.52 -12.94
C GLY A 241 -18.07 7.50 -12.94
N PHE A 242 -17.89 6.74 -11.87
CA PHE A 242 -16.75 5.79 -11.77
C PHE A 242 -17.10 4.54 -12.60
N ASP A 243 -16.09 3.69 -12.85
CA ASP A 243 -16.16 2.44 -13.65
C ASP A 243 -17.19 1.47 -13.06
N ARG A 244 -18.05 0.91 -13.90
CA ARG A 244 -19.25 0.15 -13.45
C ARG A 244 -18.82 -1.15 -12.74
N GLN A 245 -17.98 -1.96 -13.40
CA GLN A 245 -17.52 -3.24 -12.82
C GLN A 245 -17.01 -2.99 -11.39
N CYS A 246 -16.09 -2.03 -11.23
CA CYS A 246 -15.40 -1.79 -9.95
C CYS A 246 -16.43 -1.34 -8.91
N SER A 247 -17.34 -0.40 -9.21
CA SER A 247 -18.43 0.04 -8.28
C SER A 247 -19.39 -1.12 -7.92
N GLU A 248 -19.64 -2.05 -8.83
CA GLU A 248 -20.61 -3.16 -8.60
C GLU A 248 -20.02 -4.17 -7.60
N LYS A 249 -18.71 -4.40 -7.67
CA LYS A 249 -17.96 -5.23 -6.68
C LYS A 249 -18.02 -4.60 -5.28
N ILE A 250 -17.81 -3.28 -5.21
CA ILE A 250 -17.83 -2.57 -3.89
C ILE A 250 -19.16 -2.84 -3.20
N VAL A 251 -20.26 -2.53 -3.86
CA VAL A 251 -21.62 -2.73 -3.29
C VAL A 251 -21.77 -4.21 -2.93
N GLU A 252 -21.35 -5.13 -3.80
CA GLU A 252 -21.51 -6.58 -3.51
C GLU A 252 -20.78 -6.88 -2.21
N TYR A 253 -19.59 -6.31 -1.99
CA TYR A 253 -18.76 -6.53 -0.76
C TYR A 253 -19.49 -5.98 0.46
N MET A 254 -20.19 -4.85 0.31
CA MET A 254 -20.79 -4.14 1.45
C MET A 254 -22.12 -4.82 1.91
N LYS A 255 -22.92 -5.32 0.97
CA LYS A 255 -24.07 -6.21 1.26
C LYS A 255 -23.56 -7.39 2.11
N ALA A 256 -22.42 -7.98 1.73
CA ALA A 256 -21.86 -9.22 2.32
C ALA A 256 -21.44 -8.95 3.77
N THR A 257 -21.26 -7.68 4.14
CA THR A 257 -20.63 -7.25 5.42
C THR A 257 -21.65 -6.51 6.27
N GLY A 258 -22.93 -6.54 5.88
CA GLY A 258 -24.05 -6.19 6.77
C GLY A 258 -24.54 -4.76 6.54
N THR A 259 -24.20 -4.15 5.41
CA THR A 259 -24.82 -2.87 4.97
C THR A 259 -26.03 -3.26 4.13
N LYS A 260 -27.20 -2.65 4.40
CA LYS A 260 -28.47 -2.90 3.66
C LYS A 260 -28.64 -1.79 2.61
N PHE A 261 -29.32 -2.07 1.51
CA PHE A 261 -29.39 -1.17 0.33
C PHE A 261 -30.81 -1.07 -0.24
N LEU A 262 -31.49 0.05 0.05
CA LEU A 262 -32.77 0.44 -0.59
C LEU A 262 -32.44 1.21 -1.89
N VAL A 263 -32.46 0.50 -3.01
CA VAL A 263 -32.24 1.13 -4.36
C VAL A 263 -33.57 1.77 -4.77
N GLY A 264 -33.54 2.72 -5.72
CA GLY A 264 -34.71 3.33 -6.36
C GLY A 264 -35.65 3.95 -5.34
N VAL A 265 -35.14 4.32 -4.16
CA VAL A 265 -35.98 4.69 -2.98
C VAL A 265 -35.25 5.78 -2.19
N VAL A 266 -35.83 6.99 -2.21
CA VAL A 266 -35.37 8.16 -1.42
C VAL A 266 -36.41 8.44 -0.35
N PRO A 267 -36.07 9.24 0.68
CA PRO A 267 -37.07 9.73 1.63
C PRO A 267 -37.99 10.76 0.96
N ILE A 268 -39.28 10.77 1.36
CA ILE A 268 -40.29 11.80 0.97
C ILE A 268 -40.83 12.49 2.23
N ASN A 269 -40.48 12.02 3.43
CA ASN A 269 -40.85 12.66 4.73
C ASN A 269 -39.92 12.16 5.86
N ILE A 270 -39.59 13.06 6.79
CA ILE A 270 -38.77 12.80 8.00
C ILE A 270 -39.40 13.51 9.19
N GLU A 271 -39.72 12.78 10.26
CA GLU A 271 -40.37 13.32 11.48
C GLU A 271 -39.82 12.66 12.74
N LYS A 272 -39.94 13.34 13.89
CA LYS A 272 -39.44 12.92 15.23
C LYS A 272 -40.56 12.17 15.98
N VAL A 273 -40.54 10.83 15.94
CA VAL A 273 -41.45 9.96 16.73
C VAL A 273 -40.73 9.58 18.03
N ASN A 274 -41.00 10.33 19.11
CA ASN A 274 -40.35 10.24 20.45
C ASN A 274 -38.90 10.72 20.32
N GLU A 275 -37.91 9.86 20.64
CA GLU A 275 -36.45 10.16 20.51
C GLU A 275 -35.88 9.31 19.37
N ASN A 276 -36.71 8.93 18.41
CA ASN A 276 -36.30 8.28 17.13
C ASN A 276 -36.77 9.14 15.97
N ILE A 277 -36.33 8.82 14.75
CA ILE A 277 -36.62 9.54 13.47
C ILE A 277 -37.30 8.55 12.53
N LYS A 278 -38.61 8.71 12.32
CA LYS A 278 -39.43 7.88 11.39
C LYS A 278 -39.28 8.48 9.99
N VAL A 279 -39.09 7.63 8.98
CA VAL A 279 -38.61 8.05 7.63
C VAL A 279 -39.44 7.33 6.55
N SER A 280 -40.60 7.90 6.19
CA SER A 280 -41.45 7.53 5.03
C SER A 280 -40.67 7.57 3.70
N PHE A 281 -41.01 6.69 2.75
CA PHE A 281 -40.24 6.42 1.51
C PHE A 281 -41.08 6.60 0.24
N SER A 282 -40.38 6.75 -0.89
CA SER A 282 -40.88 6.99 -2.27
C SER A 282 -41.67 5.77 -2.79
N ASP A 283 -41.35 4.55 -2.34
CA ASP A 283 -42.04 3.31 -2.79
C ASP A 283 -43.33 3.11 -1.98
N GLY A 284 -43.38 3.66 -0.76
CA GLY A 284 -44.53 3.53 0.16
C GLY A 284 -44.22 2.66 1.36
N SER A 285 -42.96 2.69 1.83
CA SER A 285 -42.49 2.02 3.06
C SER A 285 -42.01 3.03 4.10
N VAL A 286 -41.84 2.58 5.36
CA VAL A 286 -41.51 3.42 6.56
C VAL A 286 -40.48 2.69 7.43
N GLU A 287 -39.62 3.44 8.13
CA GLU A 287 -38.57 2.89 9.02
C GLU A 287 -38.07 3.96 10.01
N GLU A 288 -37.66 3.53 11.20
CA GLU A 288 -37.16 4.39 12.31
C GLU A 288 -35.63 4.27 12.44
N PHE A 289 -34.95 5.40 12.58
CA PHE A 289 -33.47 5.50 12.72
C PHE A 289 -33.14 6.48 13.85
N GLU A 290 -31.99 6.32 14.50
CA GLU A 290 -31.57 7.16 15.64
C GLU A 290 -30.85 8.41 15.13
N THR A 291 -30.34 8.34 13.89
CA THR A 291 -29.60 9.43 13.21
C THR A 291 -29.77 9.26 11.70
N VAL A 292 -29.95 10.35 10.97
CA VAL A 292 -30.12 10.34 9.49
C VAL A 292 -29.12 11.33 8.90
N LEU A 293 -28.52 11.01 7.75
CA LEU A 293 -27.34 11.72 7.18
C LEU A 293 -27.53 11.88 5.68
N TYR A 294 -27.67 13.12 5.20
CA TYR A 294 -27.86 13.45 3.77
C TYR A 294 -26.47 13.65 3.16
N ALA A 295 -26.08 12.68 2.33
CA ALA A 295 -24.77 12.65 1.64
C ALA A 295 -25.02 12.82 0.16
N THR A 296 -26.01 13.64 -0.22
CA THR A 296 -26.64 13.57 -1.56
C THR A 296 -25.82 14.39 -2.53
N GLY A 297 -25.22 15.46 -2.03
CA GLY A 297 -24.27 16.27 -2.82
C GLY A 297 -23.82 17.48 -2.06
N ARG A 298 -23.23 18.44 -2.79
CA ARG A 298 -22.59 19.65 -2.22
C ARG A 298 -22.87 20.83 -3.16
N ASN A 299 -23.04 22.04 -2.63
CA ASN A 299 -23.17 23.29 -3.43
C ASN A 299 -22.01 24.19 -3.06
N PRO A 300 -21.33 24.82 -4.06
CA PRO A 300 -20.23 25.76 -3.77
C PRO A 300 -20.73 26.90 -2.89
N ASP A 301 -20.02 27.19 -1.79
CA ASP A 301 -20.36 28.25 -0.82
C ASP A 301 -19.92 29.58 -1.44
N VAL A 302 -20.68 30.07 -2.42
CA VAL A 302 -20.34 31.30 -3.18
C VAL A 302 -21.44 32.38 -3.04
N LYS A 303 -22.47 32.17 -2.20
CA LYS A 303 -23.70 33.00 -2.25
C LYS A 303 -23.43 34.34 -1.57
N GLY A 304 -22.64 34.34 -0.49
CA GLY A 304 -22.26 35.53 0.28
C GLY A 304 -21.13 36.31 -0.39
N LEU A 305 -20.47 35.74 -1.39
CA LEU A 305 -19.32 36.38 -2.09
C LEU A 305 -19.77 37.64 -2.85
N ASN A 306 -21.03 37.71 -3.26
CA ASN A 306 -21.51 38.83 -4.13
C ASN A 306 -20.71 38.77 -5.43
N LEU A 307 -20.98 37.78 -6.28
CA LEU A 307 -20.19 37.52 -7.52
C LEU A 307 -20.77 38.38 -8.64
N ASN A 308 -22.00 38.07 -9.09
CA ASN A 308 -22.58 38.54 -10.38
C ASN A 308 -22.42 40.06 -10.52
N ALA A 309 -22.63 40.81 -9.42
CA ALA A 309 -22.51 42.29 -9.38
C ALA A 309 -21.11 42.71 -9.83
N ILE A 310 -20.07 41.97 -9.42
CA ILE A 310 -18.64 42.24 -9.77
C ILE A 310 -18.43 41.90 -11.25
N GLY A 311 -19.04 40.79 -11.69
CA GLY A 311 -18.99 40.30 -13.08
C GLY A 311 -18.33 38.94 -13.19
N VAL A 312 -18.48 38.06 -12.18
CA VAL A 312 -17.91 36.68 -12.12
C VAL A 312 -18.93 35.69 -12.71
N GLU A 313 -18.73 35.24 -13.94
CA GLU A 313 -19.71 34.41 -14.69
C GLU A 313 -19.78 33.00 -14.09
N VAL A 314 -20.90 32.63 -13.43
CA VAL A 314 -21.10 31.33 -12.71
C VAL A 314 -22.08 30.43 -13.48
N SER A 315 -21.76 29.13 -13.58
CA SER A 315 -22.52 28.10 -14.35
C SER A 315 -23.96 27.94 -13.85
N ASP A 316 -24.80 27.32 -14.68
CA ASP A 316 -26.15 26.82 -14.31
C ASP A 316 -26.10 26.01 -13.00
N SER A 317 -24.94 25.43 -12.69
CA SER A 317 -24.73 24.49 -11.56
C SER A 317 -24.25 25.21 -10.30
N GLY A 318 -24.18 26.56 -10.31
CA GLY A 318 -23.66 27.38 -9.22
C GLY A 318 -22.14 27.44 -9.22
N LYS A 319 -21.46 26.38 -9.65
CA LYS A 319 -19.99 26.36 -9.73
C LYS A 319 -19.57 27.54 -10.63
N ILE A 320 -18.40 28.10 -10.36
CA ILE A 320 -17.85 29.31 -11.04
C ILE A 320 -17.20 28.82 -12.34
N ILE A 321 -17.13 29.68 -13.36
CA ILE A 321 -16.52 29.35 -14.68
C ILE A 321 -15.14 30.00 -14.74
N ALA A 322 -14.09 29.16 -14.77
CA ALA A 322 -12.65 29.56 -14.68
C ALA A 322 -11.75 28.36 -14.93
N PRO A 323 -11.74 27.79 -16.15
CA PRO A 323 -11.12 26.49 -16.40
C PRO A 323 -9.58 26.55 -16.48
N LYS A 324 -9.02 27.76 -16.55
CA LYS A 324 -7.56 28.02 -16.38
C LYS A 324 -7.39 28.80 -15.08
N ASP A 325 -8.29 28.56 -14.13
CA ASP A 325 -8.29 29.11 -12.74
C ASP A 325 -8.53 30.63 -12.81
N ALA A 326 -9.01 31.15 -13.95
CA ALA A 326 -9.22 32.61 -14.18
C ALA A 326 -10.68 32.87 -14.57
N THR A 327 -11.34 33.76 -13.83
CA THR A 327 -12.78 34.07 -13.90
C THR A 327 -13.08 34.98 -15.10
N SER A 328 -14.26 35.59 -15.12
CA SER A 328 -14.67 36.61 -16.11
CA SER A 328 -14.68 36.61 -16.10
C SER A 328 -13.98 37.94 -15.80
N VAL A 329 -13.73 38.20 -14.51
CA VAL A 329 -12.93 39.36 -14.05
C VAL A 329 -11.47 38.91 -14.00
N PRO A 330 -10.59 39.39 -14.92
CA PRO A 330 -9.25 38.81 -15.09
C PRO A 330 -8.26 39.18 -13.99
N SER A 331 -8.63 40.08 -13.08
CA SER A 331 -7.89 40.37 -11.82
C SER A 331 -8.29 39.35 -10.75
N ILE A 332 -9.15 38.38 -11.10
CA ILE A 332 -9.83 37.44 -10.16
C ILE A 332 -9.70 36.00 -10.69
N PHE A 333 -9.35 35.08 -9.79
CA PHE A 333 -9.12 33.63 -10.06
C PHE A 333 -10.00 32.81 -9.13
N ALA A 334 -10.00 31.47 -9.27
CA ALA A 334 -10.79 30.52 -8.47
C ALA A 334 -10.08 29.17 -8.49
N VAL A 335 -10.23 28.32 -7.45
CA VAL A 335 -9.67 26.95 -7.43
C VAL A 335 -10.49 26.07 -6.47
N GLY A 336 -10.50 24.76 -6.75
CA GLY A 336 -10.98 23.73 -5.85
C GLY A 336 -12.42 23.39 -6.14
N ASP A 337 -13.10 22.85 -5.14
CA ASP A 337 -14.53 22.47 -5.14
C ASP A 337 -15.31 23.53 -5.94
N ILE A 338 -15.06 24.82 -5.81
CA ILE A 338 -15.93 25.87 -6.43
C ILE A 338 -15.87 26.02 -7.96
N VAL A 339 -14.75 25.69 -8.61
CA VAL A 339 -14.53 25.83 -10.10
C VAL A 339 -15.16 24.63 -10.80
N GLU A 340 -15.75 24.88 -12.00
CA GLU A 340 -16.49 23.86 -12.80
C GLU A 340 -15.54 23.04 -13.65
N GLY A 341 -15.94 21.78 -13.89
CA GLY A 341 -15.25 20.82 -14.77
C GLY A 341 -13.89 20.53 -14.22
N ARG A 342 -13.80 20.21 -12.92
CA ARG A 342 -12.61 19.59 -12.27
C ARG A 342 -13.01 18.70 -11.08
N PRO A 343 -12.24 17.66 -10.76
CA PRO A 343 -12.58 16.81 -9.62
C PRO A 343 -12.52 17.65 -8.34
N GLU A 344 -13.39 17.36 -7.38
CA GLU A 344 -13.41 17.94 -6.03
C GLU A 344 -12.49 17.10 -5.14
N LEU A 345 -11.19 17.40 -5.16
CA LEU A 345 -10.13 16.63 -4.44
C LEU A 345 -9.02 17.57 -3.97
N THR A 346 -8.43 17.28 -2.79
CA THR A 346 -7.47 18.12 -2.04
C THR A 346 -6.23 18.36 -2.90
N PRO A 347 -5.50 17.32 -3.35
CA PRO A 347 -4.27 17.55 -4.12
C PRO A 347 -4.53 18.30 -5.45
N VAL A 348 -5.75 18.22 -5.98
CA VAL A 348 -6.09 18.90 -7.26
C VAL A 348 -6.18 20.38 -6.95
N ALA A 349 -6.78 20.72 -5.79
CA ALA A 349 -6.77 22.08 -5.25
C ALA A 349 -5.32 22.56 -5.24
N VAL A 350 -4.53 21.93 -4.38
CA VAL A 350 -3.10 22.28 -4.07
C VAL A 350 -2.23 22.52 -5.32
N LYS A 351 -2.03 21.52 -6.19
CA LYS A 351 -1.25 21.72 -7.46
C LYS A 351 -1.73 23.00 -8.16
N ALA A 352 -3.03 23.17 -8.33
CA ALA A 352 -3.57 24.32 -9.11
C ALA A 352 -3.22 25.60 -8.35
N GLY A 353 -3.38 25.55 -7.03
CA GLY A 353 -3.14 26.68 -6.12
C GLY A 353 -1.68 27.06 -6.10
N ILE A 354 -0.78 26.06 -6.07
CA ILE A 354 0.68 26.29 -6.07
C ILE A 354 1.05 26.96 -7.39
N LEU A 355 0.83 26.26 -8.50
CA LEU A 355 1.02 26.73 -9.90
C LEU A 355 0.54 28.18 -10.05
N LEU A 356 -0.76 28.46 -9.84
CA LEU A 356 -1.31 29.85 -9.95
C LEU A 356 -0.38 30.83 -9.24
N ALA A 357 0.10 30.51 -8.05
CA ALA A 357 1.04 31.37 -7.29
C ALA A 357 2.39 31.43 -8.02
N ARG A 358 2.81 30.36 -8.72
CA ARG A 358 4.03 30.38 -9.58
C ARG A 358 3.79 31.23 -10.83
N ARG A 359 2.74 30.91 -11.61
CA ARG A 359 2.47 31.49 -12.95
C ARG A 359 2.50 33.01 -12.83
N LEU A 360 1.77 33.55 -11.84
CA LEU A 360 1.63 35.02 -11.63
C LEU A 360 3.02 35.60 -11.35
N PHE A 361 3.67 35.18 -10.27
CA PHE A 361 4.77 35.89 -9.57
C PHE A 361 6.18 35.40 -9.96
N ALA A 362 6.34 34.12 -10.33
CA ALA A 362 7.65 33.46 -10.55
C ALA A 362 7.68 32.82 -11.94
N GLY A 363 7.27 33.60 -12.96
CA GLY A 363 7.56 33.36 -14.40
C GLY A 363 7.43 31.90 -14.76
N SER A 364 6.18 31.41 -14.83
CA SER A 364 5.78 30.00 -15.08
C SER A 364 4.51 30.03 -15.93
N ASN A 365 4.24 28.98 -16.70
CA ASN A 365 2.97 28.84 -17.48
C ASN A 365 2.66 27.35 -17.55
N GLU A 366 2.83 26.69 -16.41
CA GLU A 366 2.40 25.29 -16.15
C GLU A 366 0.94 25.31 -15.69
N PHE A 367 0.18 24.30 -16.15
CA PHE A 367 -1.22 23.99 -15.79
C PHE A 367 -1.32 22.48 -15.53
N ILE A 368 -2.30 22.05 -14.74
CA ILE A 368 -2.50 20.62 -14.41
C ILE A 368 -2.94 19.88 -15.67
N ASP A 369 -2.24 18.79 -15.98
CA ASP A 369 -2.70 17.69 -16.87
C ASP A 369 -3.89 17.03 -16.14
N TYR A 370 -5.12 17.41 -16.53
CA TYR A 370 -6.37 16.90 -15.90
C TYR A 370 -6.65 15.49 -16.41
N ASP A 371 -5.99 15.08 -17.49
CA ASP A 371 -6.21 13.71 -18.05
C ASP A 371 -5.73 12.64 -17.06
N PHE A 372 -5.04 13.01 -15.98
CA PHE A 372 -4.33 12.07 -15.07
C PHE A 372 -4.42 12.57 -13.61
N VAL A 373 -5.61 12.35 -13.05
CA VAL A 373 -5.93 12.68 -11.63
C VAL A 373 -6.30 11.36 -10.97
N PRO A 374 -5.40 10.76 -10.17
CA PRO A 374 -5.73 9.54 -9.45
C PRO A 374 -6.76 9.96 -8.39
N THR A 375 -7.49 8.99 -7.83
CA THR A 375 -8.35 9.16 -6.65
C THR A 375 -8.47 7.80 -5.99
N THR A 376 -8.90 7.75 -4.72
CA THR A 376 -9.24 6.47 -4.05
C THR A 376 -10.44 6.69 -3.13
N VAL A 377 -11.43 5.82 -3.25
CA VAL A 377 -12.58 5.70 -2.31
C VAL A 377 -12.12 4.76 -1.19
N PHE A 378 -12.24 5.18 0.07
CA PHE A 378 -11.88 4.34 1.22
C PHE A 378 -13.16 3.67 1.75
N THR A 379 -13.89 2.98 0.87
CA THR A 379 -14.91 1.99 1.26
C THR A 379 -14.28 0.82 2.01
N PRO A 380 -15.09 0.03 2.76
CA PRO A 380 -14.52 -1.02 3.61
C PRO A 380 -13.48 -1.83 2.81
N ILE A 381 -13.66 -1.94 1.49
CA ILE A 381 -12.53 -2.25 0.56
C ILE A 381 -12.32 -1.01 -0.32
N GLU A 382 -11.08 -0.59 -0.43
CA GLU A 382 -10.67 0.69 -1.05
C GLU A 382 -10.63 0.47 -2.55
N TYR A 383 -11.05 1.46 -3.33
CA TYR A 383 -11.00 1.44 -4.81
C TYR A 383 -10.19 2.63 -5.28
N GLY A 384 -9.02 2.40 -5.89
CA GLY A 384 -8.23 3.48 -6.52
C GLY A 384 -8.29 3.39 -8.05
N HIS A 385 -7.98 4.48 -8.78
CA HIS A 385 -7.83 4.44 -10.27
C HIS A 385 -7.29 5.73 -10.88
N VAL A 386 -6.71 5.65 -12.08
CA VAL A 386 -6.48 6.83 -12.97
C VAL A 386 -6.96 6.51 -14.39
N GLY A 387 -7.29 7.57 -15.12
CA GLY A 387 -7.77 7.48 -16.50
C GLY A 387 -9.18 6.93 -16.55
N LEU A 388 -9.55 6.35 -17.71
CA LEU A 388 -10.92 6.07 -18.18
C LEU A 388 -11.45 4.78 -17.55
N SER A 389 -12.70 4.84 -17.09
CA SER A 389 -13.57 3.68 -16.84
C SER A 389 -13.65 2.89 -18.15
N SER A 390 -13.79 1.55 -18.05
CA SER A 390 -14.01 0.67 -19.22
C SER A 390 -15.06 1.32 -20.15
N GLU A 391 -16.12 1.87 -19.56
CA GLU A 391 -17.25 2.50 -20.28
C GLU A 391 -16.73 3.66 -21.11
N ALA A 392 -16.05 4.62 -20.47
CA ALA A 392 -15.58 5.89 -21.09
C ALA A 392 -14.58 5.59 -22.21
N ALA A 393 -13.79 4.52 -22.08
CA ALA A 393 -12.77 4.03 -23.04
C ALA A 393 -13.44 3.31 -24.21
N ILE A 394 -14.58 2.67 -23.96
CA ILE A 394 -15.40 1.96 -24.97
C ILE A 394 -16.02 3.02 -25.92
N ALA A 395 -16.43 4.17 -25.37
CA ALA A 395 -16.99 5.32 -26.14
C ALA A 395 -15.91 5.91 -27.04
N LYS A 396 -14.87 6.52 -26.44
CA LYS A 396 -13.77 7.27 -27.12
C LYS A 396 -13.11 6.44 -28.22
N TYR A 397 -13.02 5.10 -28.08
CA TYR A 397 -12.22 4.19 -28.94
C TYR A 397 -13.06 3.06 -29.56
N GLY A 398 -14.31 2.84 -29.11
CA GLY A 398 -15.17 1.76 -29.62
C GLY A 398 -14.68 0.39 -29.17
N GLU A 399 -15.59 -0.58 -29.02
CA GLU A 399 -15.36 -1.88 -28.31
C GLU A 399 -14.52 -2.84 -29.15
N ASP A 400 -13.66 -2.31 -30.02
CA ASP A 400 -12.84 -3.09 -30.99
C ASP A 400 -11.37 -2.75 -30.77
N ASP A 401 -11.09 -1.51 -30.37
CA ASP A 401 -9.73 -0.99 -30.09
C ASP A 401 -9.50 -1.11 -28.57
N ILE A 402 -10.39 -1.84 -27.87
CA ILE A 402 -10.53 -1.85 -26.39
C ILE A 402 -10.34 -3.30 -25.91
N GLU A 403 -9.33 -3.52 -25.07
CA GLU A 403 -9.03 -4.84 -24.45
C GLU A 403 -8.92 -4.66 -22.93
N GLU A 404 -9.70 -5.45 -22.19
CA GLU A 404 -9.90 -5.39 -20.72
C GLU A 404 -9.26 -6.64 -20.11
N TYR A 405 -8.00 -6.52 -19.65
CA TYR A 405 -7.20 -7.57 -18.95
C TYR A 405 -7.35 -7.39 -17.44
N LEU A 406 -7.76 -8.44 -16.73
CA LEU A 406 -8.08 -8.30 -15.29
C LEU A 406 -7.90 -9.65 -14.59
N SER A 407 -7.92 -9.60 -13.26
CA SER A 407 -7.73 -10.78 -12.38
C SER A 407 -8.32 -10.49 -11.01
N GLU A 408 -9.34 -11.23 -10.58
CA GLU A 408 -10.00 -11.01 -9.28
C GLU A 408 -9.63 -12.19 -8.41
N PHE A 409 -9.27 -11.90 -7.15
CA PHE A 409 -8.34 -12.72 -6.33
C PHE A 409 -8.40 -12.20 -4.91
N SER A 410 -7.85 -12.96 -3.95
CA SER A 410 -7.78 -12.58 -2.52
C SER A 410 -6.32 -12.32 -2.13
N THR A 411 -6.08 -11.25 -1.39
CA THR A 411 -4.76 -10.92 -0.82
C THR A 411 -4.45 -12.00 0.22
N LEU A 412 -3.19 -12.46 0.24
CA LEU A 412 -2.72 -13.71 0.89
C LEU A 412 -3.20 -13.74 2.33
N GLU A 413 -3.00 -12.62 3.05
CA GLU A 413 -3.23 -12.62 4.50
C GLU A 413 -4.72 -12.87 4.72
N ILE A 414 -5.58 -12.30 3.91
CA ILE A 414 -7.06 -12.43 4.07
C ILE A 414 -7.49 -13.83 3.58
N ALA A 415 -6.95 -14.33 2.48
CA ALA A 415 -7.16 -15.76 2.11
C ALA A 415 -6.91 -16.68 3.32
N ALA A 416 -5.89 -16.43 4.16
CA ALA A 416 -5.51 -17.31 5.31
C ALA A 416 -6.55 -17.22 6.43
N ALA A 417 -7.15 -16.04 6.58
CA ALA A 417 -8.06 -15.67 7.69
C ALA A 417 -9.37 -16.44 7.53
N HIS A 418 -9.70 -16.81 6.29
CA HIS A 418 -11.00 -17.38 5.89
C HIS A 418 -12.09 -16.47 6.45
N ARG A 419 -12.09 -15.19 6.04
CA ARG A 419 -13.13 -14.24 6.50
C ARG A 419 -14.49 -14.76 6.05
N GLU A 420 -15.47 -14.74 6.97
CA GLU A 420 -16.84 -15.27 6.75
C GLU A 420 -17.87 -14.15 6.80
N LYS A 421 -18.99 -14.31 6.05
CA LYS A 421 -20.26 -13.53 6.21
C LYS A 421 -20.80 -13.68 7.64
N PRO A 422 -21.35 -12.60 8.23
CA PRO A 422 -22.26 -12.72 9.38
C PRO A 422 -23.41 -13.68 9.08
N GLU A 423 -23.85 -14.43 10.12
CA GLU A 423 -24.84 -15.54 10.03
C GLU A 423 -26.08 -15.14 9.22
N HIS A 424 -26.69 -14.01 9.60
CA HIS A 424 -28.02 -13.55 9.10
C HIS A 424 -28.04 -13.42 7.56
N LEU A 425 -26.91 -13.53 6.86
CA LEU A 425 -26.83 -13.44 5.38
C LEU A 425 -26.40 -14.79 4.76
N ARG A 426 -26.38 -15.88 5.55
CA ARG A 426 -26.02 -17.23 5.06
C ARG A 426 -27.21 -17.84 4.29
N GLU A 427 -26.98 -18.40 3.11
CA GLU A 427 -28.04 -18.99 2.22
C GLU A 427 -27.86 -20.51 2.12
N ASN A 428 -26.65 -21.03 2.33
CA ASN A 428 -26.36 -22.49 2.30
C ASN A 428 -25.17 -22.78 3.21
N GLU A 429 -24.61 -23.99 3.10
CA GLU A 429 -23.67 -24.59 4.09
C GLU A 429 -22.21 -24.34 3.68
N MET A 430 -21.91 -24.07 2.40
CA MET A 430 -20.56 -23.62 1.96
C MET A 430 -20.66 -22.18 1.42
N ASP A 431 -21.40 -21.32 2.14
CA ASP A 431 -21.78 -19.93 1.79
C ASP A 431 -20.98 -18.94 2.66
N PHE A 432 -19.95 -19.44 3.35
CA PHE A 432 -19.32 -18.80 4.54
C PHE A 432 -18.42 -17.65 4.08
N ALA A 433 -17.65 -17.89 3.02
CA ALA A 433 -16.59 -17.03 2.46
C ALA A 433 -17.16 -15.69 2.03
N LEU A 434 -16.57 -14.56 2.43
CA LEU A 434 -16.83 -13.24 1.80
C LEU A 434 -16.38 -13.34 0.35
N PRO A 435 -16.77 -12.40 -0.53
CA PRO A 435 -16.14 -12.28 -1.84
C PRO A 435 -14.62 -12.08 -1.69
N LEU A 436 -13.86 -12.63 -2.63
CA LEU A 436 -12.48 -12.19 -2.94
C LEU A 436 -12.45 -10.67 -2.81
N ASN A 437 -11.49 -10.15 -2.04
CA ASN A 437 -11.39 -8.73 -1.61
C ASN A 437 -10.73 -7.89 -2.68
N CYS A 438 -10.01 -8.47 -3.63
CA CYS A 438 -9.36 -7.66 -4.70
C CYS A 438 -9.97 -7.89 -6.09
N LEU A 439 -9.85 -6.88 -6.93
CA LEU A 439 -10.00 -6.95 -8.41
C LEU A 439 -9.02 -5.95 -9.04
N ALA A 440 -8.03 -6.42 -9.81
CA ALA A 440 -7.16 -5.57 -10.67
C ALA A 440 -7.64 -5.61 -12.14
N LYS A 441 -7.47 -4.50 -12.87
CA LYS A 441 -7.96 -4.33 -14.27
C LYS A 441 -7.07 -3.30 -14.99
N LEU A 442 -6.53 -3.60 -16.17
CA LEU A 442 -6.06 -2.50 -17.08
C LEU A 442 -6.92 -2.50 -18.34
N VAL A 443 -7.37 -1.31 -18.69
CA VAL A 443 -8.00 -1.01 -20.01
C VAL A 443 -6.96 -0.31 -20.89
N VAL A 444 -6.75 -0.85 -22.09
CA VAL A 444 -5.67 -0.48 -23.06
C VAL A 444 -6.24 -0.53 -24.48
N VAL A 445 -5.45 -0.02 -25.46
CA VAL A 445 -5.86 0.39 -26.83
C VAL A 445 -5.09 -0.46 -27.84
N LYS A 446 -5.81 -1.40 -28.47
CA LYS A 446 -5.29 -2.31 -29.52
C LYS A 446 -4.42 -1.50 -30.50
N SER A 447 -4.92 -0.34 -30.97
CA SER A 447 -4.36 0.40 -32.13
C SER A 447 -3.22 1.33 -31.71
N GLN A 448 -2.87 1.37 -30.41
CA GLN A 448 -1.68 2.10 -29.93
C GLN A 448 -0.81 1.12 -29.12
N GLY A 449 -0.61 -0.08 -29.68
CA GLY A 449 0.24 -1.15 -29.13
C GLY A 449 -0.22 -1.55 -27.74
N GLU A 450 -1.54 -1.52 -27.49
CA GLU A 450 -2.14 -1.74 -26.14
C GLU A 450 -1.63 -0.69 -25.13
N LYS A 451 -1.62 0.59 -25.51
CA LYS A 451 -1.34 1.73 -24.60
C LYS A 451 -2.39 1.73 -23.48
N VAL A 452 -1.97 2.02 -22.25
CA VAL A 452 -2.82 1.90 -21.05
C VAL A 452 -3.55 3.23 -20.77
N VAL A 453 -4.89 3.20 -20.83
CA VAL A 453 -5.82 4.36 -20.74
C VAL A 453 -6.68 4.23 -19.48
N GLY A 454 -6.78 3.04 -18.86
CA GLY A 454 -7.53 2.81 -17.60
C GLY A 454 -6.74 1.96 -16.61
N PHE A 455 -6.45 2.41 -15.38
CA PHE A 455 -5.84 1.57 -14.29
C PHE A 455 -6.77 1.57 -13.06
N HIS A 456 -7.19 0.40 -12.61
CA HIS A 456 -8.25 0.24 -11.58
C HIS A 456 -7.92 -0.89 -10.62
N PHE A 457 -8.08 -0.64 -9.32
CA PHE A 457 -7.75 -1.65 -8.29
C PHE A 457 -8.75 -1.54 -7.15
N VAL A 458 -9.44 -2.62 -6.84
CA VAL A 458 -10.37 -2.71 -5.67
C VAL A 458 -9.68 -3.60 -4.65
N GLY A 459 -9.30 -3.04 -3.49
CA GLY A 459 -8.64 -3.80 -2.42
C GLY A 459 -8.21 -2.93 -1.23
N PRO A 460 -7.35 -3.50 -0.35
CA PRO A 460 -6.79 -2.77 0.78
C PRO A 460 -5.71 -1.90 0.15
N ASN A 461 -5.40 -0.75 0.75
CA ASN A 461 -4.27 0.09 0.30
C ASN A 461 -4.36 0.34 -1.22
N ALA A 462 -5.55 0.49 -1.80
CA ALA A 462 -5.72 0.80 -3.24
C ALA A 462 -4.97 2.06 -3.64
N GLY A 463 -5.22 3.20 -2.97
CA GLY A 463 -4.40 4.42 -3.16
C GLY A 463 -2.90 4.18 -3.05
N GLU A 464 -2.40 3.56 -1.95
CA GLU A 464 -0.94 3.29 -1.82
C GLU A 464 -0.51 2.56 -3.10
N ILE A 465 -1.33 1.62 -3.60
CA ILE A 465 -1.07 0.89 -4.87
C ILE A 465 -1.30 1.76 -6.13
N THR A 466 -2.37 2.53 -6.17
CA THR A 466 -2.77 3.36 -7.35
C THR A 466 -1.68 4.37 -7.69
N GLN A 467 -0.94 4.86 -6.66
CA GLN A 467 -0.08 6.10 -6.81
C GLN A 467 1.05 5.82 -7.80
N GLY A 468 2.03 5.03 -7.39
CA GLY A 468 3.13 4.60 -8.29
C GLY A 468 2.61 4.34 -9.70
N PHE A 469 1.57 3.50 -9.87
CA PHE A 469 1.01 3.15 -11.19
C PHE A 469 0.35 4.37 -11.88
N SER A 470 -0.24 5.35 -11.19
CA SER A 470 -0.70 6.59 -11.87
C SER A 470 0.45 7.17 -12.71
N LEU A 471 1.65 7.35 -12.13
CA LEU A 471 2.79 7.96 -12.90
C LEU A 471 3.25 7.08 -14.07
N ALA A 472 3.26 5.74 -13.96
CA ALA A 472 3.69 4.89 -15.11
C ALA A 472 2.76 5.13 -16.29
N VAL A 473 1.45 4.97 -16.07
CA VAL A 473 0.37 5.41 -17.00
C VAL A 473 0.77 6.78 -17.58
N LYS A 474 0.88 7.83 -16.75
CA LYS A 474 1.14 9.23 -17.22
C LYS A 474 2.47 9.28 -18.00
N LEU A 475 3.41 8.34 -17.79
CA LEU A 475 4.67 8.30 -18.60
C LEU A 475 4.45 7.47 -19.88
N GLY A 476 3.21 6.97 -20.10
CA GLY A 476 2.76 6.35 -21.36
C GLY A 476 3.05 4.85 -21.40
N ALA A 477 2.76 4.13 -20.31
CA ALA A 477 2.99 2.66 -20.21
C ALA A 477 2.09 1.94 -21.21
N THR A 478 2.59 0.80 -21.68
CA THR A 478 1.86 -0.26 -22.42
C THR A 478 1.75 -1.54 -21.58
N LYS A 479 0.87 -2.45 -22.00
CA LYS A 479 0.76 -3.82 -21.43
C LYS A 479 2.12 -4.54 -21.52
N LYS A 480 2.88 -4.24 -22.57
CA LYS A 480 4.25 -4.79 -22.83
C LYS A 480 5.13 -4.50 -21.59
N ASP A 481 5.21 -3.22 -21.25
CA ASP A 481 5.99 -2.68 -20.10
C ASP A 481 5.53 -3.32 -18.80
N PHE A 482 4.21 -3.49 -18.65
CA PHE A 482 3.57 -4.13 -17.47
C PHE A 482 4.08 -5.55 -17.30
N ASP A 483 4.08 -6.37 -18.36
CA ASP A 483 4.42 -7.82 -18.26
C ASP A 483 5.94 -8.03 -18.13
N ASP A 484 6.75 -7.04 -18.47
CA ASP A 484 8.23 -7.02 -18.30
C ASP A 484 8.61 -6.47 -16.92
N MET A 485 7.65 -5.82 -16.23
CA MET A 485 7.74 -5.44 -14.80
C MET A 485 8.07 -6.68 -13.97
N ILE A 486 9.06 -6.62 -13.08
CA ILE A 486 9.35 -7.78 -12.17
C ILE A 486 8.67 -7.50 -10.83
N GLY A 487 8.04 -8.54 -10.27
CA GLY A 487 7.20 -8.46 -9.06
C GLY A 487 7.98 -8.22 -7.77
N ILE A 488 7.30 -7.63 -6.79
CA ILE A 488 7.70 -7.70 -5.36
C ILE A 488 6.76 -8.71 -4.73
N HIS A 489 7.32 -9.73 -4.10
CA HIS A 489 6.47 -10.81 -3.60
C HIS A 489 6.72 -10.95 -2.10
N PRO A 490 5.65 -11.02 -1.26
CA PRO A 490 4.27 -10.96 -1.68
C PRO A 490 3.64 -9.54 -1.60
N THR A 491 2.85 -9.21 -2.59
CA THR A 491 2.09 -7.94 -2.63
C THR A 491 0.82 -8.21 -3.46
N ASP A 492 -0.19 -7.37 -3.29
CA ASP A 492 -1.33 -7.35 -4.23
C ASP A 492 -0.91 -6.57 -5.49
N ALA A 493 0.04 -5.64 -5.39
CA ALA A 493 0.39 -4.80 -6.57
C ALA A 493 1.00 -5.67 -7.67
N GLU A 494 1.62 -6.81 -7.35
CA GLU A 494 2.38 -7.62 -8.35
C GLU A 494 1.40 -8.29 -9.32
N VAL A 495 0.11 -8.41 -8.98
CA VAL A 495 -0.91 -8.98 -9.92
C VAL A 495 -0.78 -8.27 -11.26
N PHE A 496 -0.41 -6.99 -11.28
CA PHE A 496 -0.33 -6.22 -12.55
C PHE A 496 0.79 -6.75 -13.46
N GLY A 497 1.69 -7.59 -12.99
CA GLY A 497 2.78 -8.15 -13.84
C GLY A 497 2.32 -9.35 -14.68
N ILE A 498 1.14 -9.92 -14.39
CA ILE A 498 0.69 -11.23 -14.90
C ILE A 498 -0.83 -11.26 -15.15
N LEU A 499 -1.47 -10.14 -15.43
CA LEU A 499 -2.84 -10.15 -16.01
C LEU A 499 -2.77 -10.72 -17.45
N GLU A 500 -3.48 -11.85 -17.71
CA GLU A 500 -3.55 -12.50 -19.05
C GLU A 500 -5.01 -12.69 -19.52
N VAL A 501 -5.94 -13.03 -18.63
CA VAL A 501 -7.40 -13.22 -18.92
C VAL A 501 -7.91 -11.92 -19.54
N THR A 502 -9.02 -11.96 -20.30
CA THR A 502 -9.66 -10.76 -20.93
C THR A 502 -11.19 -10.89 -20.93
N LYS A 503 -11.89 -9.76 -20.93
CA LYS A 503 -13.37 -9.68 -21.01
C LYS A 503 -13.82 -10.39 -22.29
N ARG A 504 -13.11 -10.12 -23.38
CA ARG A 504 -13.39 -10.64 -24.74
C ARG A 504 -13.22 -12.17 -24.75
N SER A 505 -12.22 -12.73 -24.04
CA SER A 505 -11.95 -14.18 -23.99
C SER A 505 -13.08 -14.91 -23.24
N GLY A 506 -13.83 -14.19 -22.40
CA GLY A 506 -15.08 -14.66 -21.74
C GLY A 506 -14.82 -15.65 -20.61
N GLU A 507 -13.60 -16.19 -20.48
CA GLU A 507 -13.33 -17.27 -19.48
C GLU A 507 -13.03 -16.64 -18.11
N SER A 508 -12.83 -17.48 -17.10
CA SER A 508 -12.78 -17.13 -15.66
C SER A 508 -11.56 -16.26 -15.36
N PHE A 509 -11.79 -15.10 -14.74
CA PHE A 509 -10.76 -14.18 -14.19
C PHE A 509 -10.77 -14.25 -12.65
N VAL A 510 -11.10 -15.40 -12.08
CA VAL A 510 -11.10 -15.65 -10.60
C VAL A 510 -9.79 -16.38 -10.28
N SER A 511 -9.32 -16.34 -9.03
CA SER A 511 -8.01 -16.91 -8.61
C SER A 511 -8.02 -17.30 -7.11
N SER A 512 -8.96 -18.16 -6.72
CA SER A 512 -9.06 -18.82 -5.38
C SER A 512 -7.66 -19.17 -4.83
N GLY A 513 -6.78 -19.68 -5.70
CA GLY A 513 -5.42 -20.14 -5.34
C GLY A 513 -4.77 -18.98 -4.58
N GLY A 514 -4.59 -19.15 -3.27
CA GLY A 514 -3.88 -18.21 -2.36
C GLY A 514 -2.39 -17.88 -2.56
N CYS A 515 -1.85 -18.17 -3.76
CA CYS A 515 -0.56 -17.63 -4.29
C CYS A 515 -0.57 -16.10 -4.46
N GLY A 516 -1.75 -15.55 -4.80
CA GLY A 516 -2.08 -14.10 -4.75
C GLY A 516 -2.18 -13.51 -6.15
N GLY A 517 -1.56 -12.34 -6.32
CA GLY A 517 -1.41 -11.57 -7.57
C GLY A 517 -0.08 -11.81 -8.28
N GLY A 518 0.80 -12.60 -7.67
CA GLY A 518 1.95 -13.26 -8.33
C GLY A 518 2.34 -14.55 -7.62
N LYS A 519 3.27 -15.31 -8.19
CA LYS A 519 3.85 -16.52 -7.55
C LYS A 519 5.22 -16.11 -7.01
N PHE B 26 16.11 -39.08 -27.10
CA PHE B 26 15.51 -38.04 -26.23
C PHE B 26 14.10 -38.47 -25.81
N MET B 27 13.99 -39.14 -24.66
CA MET B 27 12.69 -39.56 -24.07
C MET B 27 11.83 -38.33 -23.78
N TYR B 28 12.46 -37.19 -23.44
CA TYR B 28 11.79 -35.91 -23.08
C TYR B 28 12.38 -34.73 -23.87
N ASP B 29 11.60 -33.66 -23.96
CA ASP B 29 12.02 -32.33 -24.47
C ASP B 29 12.66 -31.52 -23.33
N LEU B 30 12.21 -31.69 -22.08
CA LEU B 30 12.69 -30.88 -20.92
C LEU B 30 12.41 -31.58 -19.59
N VAL B 31 13.46 -31.80 -18.78
CA VAL B 31 13.38 -32.28 -17.37
C VAL B 31 13.74 -31.12 -16.44
N VAL B 32 13.10 -31.02 -15.27
CA VAL B 32 13.38 -29.93 -14.30
C VAL B 32 13.59 -30.55 -12.93
N ILE B 33 14.78 -30.35 -12.36
CA ILE B 33 15.15 -30.85 -11.02
C ILE B 33 15.02 -29.68 -10.02
N GLY B 34 13.83 -29.57 -9.41
CA GLY B 34 13.44 -28.51 -8.46
C GLY B 34 11.99 -28.05 -8.71
N GLY B 35 11.11 -28.24 -7.73
CA GLY B 35 9.75 -27.66 -7.77
C GLY B 35 9.71 -26.36 -6.98
N GLY B 36 10.56 -25.40 -7.39
CA GLY B 36 10.58 -24.03 -6.84
C GLY B 36 9.94 -23.06 -7.83
N SER B 37 9.88 -21.78 -7.45
CA SER B 37 9.30 -20.68 -8.28
C SER B 37 9.86 -20.77 -9.72
N GLY B 38 11.19 -20.61 -9.87
CA GLY B 38 11.86 -20.77 -11.16
C GLY B 38 11.45 -22.07 -11.82
N GLY B 39 11.60 -23.18 -11.09
CA GLY B 39 11.38 -24.55 -11.56
C GLY B 39 10.02 -24.71 -12.20
N MET B 40 8.96 -24.55 -11.42
CA MET B 40 7.55 -24.82 -11.84
C MET B 40 7.17 -23.87 -12.99
N ALA B 41 7.74 -22.67 -13.06
CA ALA B 41 7.40 -21.68 -14.10
C ALA B 41 7.88 -22.17 -15.47
N ALA B 42 9.16 -22.55 -15.58
CA ALA B 42 9.78 -23.03 -16.84
C ALA B 42 8.93 -24.19 -17.37
N ALA B 43 8.71 -25.20 -16.51
CA ALA B 43 7.91 -26.42 -16.70
C ALA B 43 6.57 -26.10 -17.36
N LYS B 44 5.73 -25.32 -16.67
CA LYS B 44 4.34 -25.03 -17.10
C LYS B 44 4.33 -24.17 -18.35
N GLU B 45 5.32 -23.30 -18.58
CA GLU B 45 5.37 -22.45 -19.81
C GLU B 45 5.80 -23.33 -20.97
N ALA B 46 6.86 -24.12 -20.78
CA ALA B 46 7.32 -25.18 -21.71
C ALA B 46 6.15 -26.09 -22.12
N ALA B 47 5.29 -26.46 -21.18
CA ALA B 47 4.13 -27.36 -21.38
C ALA B 47 3.02 -26.67 -22.19
N LYS B 48 2.90 -25.34 -22.10
CA LYS B 48 1.94 -24.53 -22.90
C LYS B 48 2.24 -24.65 -24.41
N TYR B 49 3.19 -25.49 -24.82
CA TYR B 49 3.66 -25.59 -26.22
C TYR B 49 3.66 -27.08 -26.67
N GLY B 50 2.78 -27.88 -26.07
CA GLY B 50 2.60 -29.32 -26.37
C GLY B 50 3.87 -30.12 -26.14
N LYS B 51 4.87 -29.52 -25.48
CA LYS B 51 6.21 -30.13 -25.25
C LYS B 51 6.14 -31.00 -23.99
N LYS B 52 6.84 -32.15 -24.00
CA LYS B 52 6.76 -33.18 -22.94
C LYS B 52 7.73 -32.82 -21.82
N VAL B 53 7.23 -32.74 -20.58
CA VAL B 53 7.98 -32.20 -19.42
C VAL B 53 7.86 -33.14 -18.22
N ALA B 54 9.00 -33.56 -17.68
CA ALA B 54 9.18 -34.17 -16.33
C ALA B 54 9.56 -33.06 -15.34
N LEU B 55 9.10 -33.16 -14.09
CA LEU B 55 9.59 -32.27 -13.00
C LEU B 55 9.83 -33.07 -11.72
N PHE B 56 11.05 -32.97 -11.18
CA PHE B 56 11.43 -33.59 -9.89
C PHE B 56 11.29 -32.54 -8.77
N ASP B 57 10.87 -33.01 -7.59
CA ASP B 57 11.11 -32.30 -6.31
C ASP B 57 11.54 -33.38 -5.32
N PHE B 58 11.93 -32.96 -4.14
CA PHE B 58 12.07 -33.78 -2.92
C PHE B 58 12.61 -32.77 -1.92
N VAL B 59 12.12 -32.87 -0.68
CA VAL B 59 12.50 -31.92 0.40
C VAL B 59 13.38 -32.68 1.42
N LYS B 60 14.69 -32.70 1.15
CA LYS B 60 15.73 -33.09 2.13
C LYS B 60 15.36 -32.43 3.45
N PRO B 61 15.19 -33.20 4.54
CA PRO B 61 14.80 -32.64 5.84
C PRO B 61 15.83 -31.64 6.39
N SER B 62 15.36 -30.50 6.90
CA SER B 62 16.17 -29.45 7.56
C SER B 62 17.04 -30.01 8.69
N THR B 63 18.17 -29.36 8.97
CA THR B 63 19.12 -29.74 10.04
C THR B 63 18.46 -30.11 11.37
N GLN B 64 17.19 -29.74 11.56
CA GLN B 64 16.42 -30.02 12.81
C GLN B 64 15.19 -30.89 12.50
N GLY B 65 15.13 -31.49 11.31
CA GLY B 65 14.21 -32.60 11.00
C GLY B 65 12.90 -32.11 10.40
N THR B 66 12.75 -30.80 10.17
CA THR B 66 11.53 -30.23 9.54
C THR B 66 11.45 -30.70 8.08
N LYS B 67 10.24 -30.95 7.56
CA LYS B 67 10.02 -31.24 6.12
C LYS B 67 8.56 -30.92 5.74
N TRP B 68 8.29 -30.81 4.42
CA TRP B 68 7.09 -30.17 3.81
C TRP B 68 6.88 -30.65 2.37
N GLY B 69 5.86 -30.11 1.68
CA GLY B 69 5.41 -30.52 0.33
C GLY B 69 5.85 -29.60 -0.80
N LEU B 70 5.21 -29.73 -1.98
CA LEU B 70 5.54 -29.05 -3.26
C LEU B 70 5.40 -27.53 -3.12
N GLY B 71 6.13 -26.78 -3.98
CA GLY B 71 5.98 -25.31 -4.12
C GLY B 71 7.30 -24.58 -3.95
N GLY B 72 8.23 -25.15 -3.17
CA GLY B 72 9.60 -24.59 -2.99
C GLY B 72 9.79 -23.95 -1.62
N THR B 73 10.65 -22.94 -1.54
CA THR B 73 11.08 -22.24 -0.29
C THR B 73 10.09 -21.09 -0.02
N CYS B 74 9.53 -20.48 -1.08
CA CYS B 74 8.68 -19.28 -0.91
CA CYS B 74 8.66 -19.29 -0.96
C CYS B 74 7.31 -19.75 -0.38
N VAL B 75 6.77 -20.84 -0.93
CA VAL B 75 5.48 -21.44 -0.45
C VAL B 75 5.67 -21.95 0.99
N ASN B 76 6.76 -22.65 1.27
CA ASN B 76 6.85 -23.58 2.43
C ASN B 76 7.50 -22.90 3.64
N VAL B 77 8.67 -22.31 3.46
CA VAL B 77 9.54 -21.84 4.57
C VAL B 77 10.19 -20.53 4.14
N GLY B 78 9.40 -19.70 3.45
CA GLY B 78 9.85 -18.43 2.87
C GLY B 78 8.72 -17.39 2.90
N CYS B 79 8.51 -16.68 1.78
CA CYS B 79 7.70 -15.45 1.70
C CYS B 79 6.27 -15.76 2.17
N VAL B 80 5.67 -16.87 1.73
CA VAL B 80 4.26 -17.17 2.12
C VAL B 80 4.18 -17.20 3.66
N PRO B 81 4.73 -18.18 4.41
CA PRO B 81 4.47 -18.28 5.85
C PRO B 81 4.81 -16.95 6.55
N LYS B 82 5.96 -16.39 6.18
CA LYS B 82 6.57 -15.20 6.83
C LYS B 82 5.59 -14.03 6.76
N LYS B 83 4.90 -13.83 5.65
CA LYS B 83 4.02 -12.65 5.50
C LYS B 83 2.84 -12.85 6.47
N LEU B 84 2.28 -14.05 6.53
CA LEU B 84 1.19 -14.37 7.51
C LEU B 84 1.69 -14.12 8.93
N MET B 85 2.96 -14.46 9.22
CA MET B 85 3.60 -14.29 10.55
C MET B 85 3.80 -12.80 10.79
N HIS B 86 4.24 -12.08 9.77
CA HIS B 86 4.44 -10.60 9.80
C HIS B 86 3.06 -9.96 10.00
N TYR B 87 2.04 -10.38 9.28
CA TYR B 87 0.66 -9.80 9.35
C TYR B 87 0.19 -9.91 10.81
N SER B 88 0.29 -11.10 11.40
CA SER B 88 -0.05 -11.43 12.82
C SER B 88 0.78 -10.58 13.80
N ALA B 89 1.93 -10.08 13.33
CA ALA B 89 2.75 -9.12 14.08
C ALA B 89 2.13 -7.73 13.88
N LEU B 90 2.14 -7.21 12.64
CA LEU B 90 1.44 -5.97 12.24
C LEU B 90 0.18 -5.82 13.10
N ILE B 91 -0.68 -6.85 13.11
CA ILE B 91 -1.93 -6.85 13.93
C ILE B 91 -1.57 -6.52 15.40
N ALA B 92 -0.68 -7.31 16.03
CA ALA B 92 -0.34 -7.21 17.47
C ALA B 92 -0.01 -5.77 17.86
N SER B 93 0.78 -5.06 17.03
CA SER B 93 1.11 -3.61 17.24
C SER B 93 -0.21 -2.83 17.38
N SER B 94 -1.02 -2.83 16.32
CA SER B 94 -2.21 -1.95 16.22
C SER B 94 -3.00 -2.16 17.51
N ILE B 95 -3.34 -3.41 17.79
CA ILE B 95 -3.97 -3.85 19.06
C ILE B 95 -3.36 -3.07 20.24
N HIS B 96 -2.03 -3.11 20.42
CA HIS B 96 -1.29 -2.57 21.59
C HIS B 96 -1.11 -1.04 21.52
N HIS B 97 -0.95 -0.47 20.32
CA HIS B 97 -0.67 0.97 20.13
C HIS B 97 -1.95 1.73 19.74
N ASP B 98 -2.76 1.16 18.86
CA ASP B 98 -3.76 1.91 18.05
C ASP B 98 -5.17 1.70 18.63
N ALA B 99 -5.62 0.45 18.69
CA ALA B 99 -6.98 0.04 19.11
C ALA B 99 -7.69 1.07 19.98
N GLN B 100 -7.04 1.44 21.10
CA GLN B 100 -7.60 2.22 22.23
C GLN B 100 -7.90 3.63 21.75
N MET B 101 -6.95 4.22 21.02
CA MET B 101 -6.98 5.66 20.64
C MET B 101 -8.16 5.87 19.68
N SER B 102 -8.49 4.81 18.92
CA SER B 102 -9.59 4.76 17.93
C SER B 102 -10.86 4.29 18.64
N GLY B 103 -10.76 4.05 19.94
CA GLY B 103 -11.88 3.92 20.89
C GLY B 103 -12.25 2.48 21.10
N HIS B 104 -11.33 1.56 20.79
CA HIS B 104 -11.48 0.09 20.98
C HIS B 104 -10.65 -0.36 22.18
N LYS B 105 -11.28 -0.68 23.32
CA LYS B 105 -10.57 -1.24 24.51
C LYS B 105 -10.51 -2.77 24.39
N THR B 106 -9.32 -3.34 24.59
CA THR B 106 -8.91 -4.67 24.06
C THR B 106 -8.05 -5.43 25.09
N SER B 107 -8.49 -6.62 25.50
CA SER B 107 -7.64 -7.65 26.15
C SER B 107 -7.20 -8.62 25.07
N SER B 108 -5.98 -9.14 25.20
CA SER B 108 -5.33 -9.98 24.17
C SER B 108 -4.16 -10.73 24.80
N SER B 109 -4.23 -12.05 24.75
CA SER B 109 -3.09 -12.98 24.93
C SER B 109 -2.94 -13.76 23.63
N PHE B 110 -1.73 -14.26 23.36
CA PHE B 110 -1.30 -14.85 22.07
C PHE B 110 -0.97 -16.35 22.16
N GLU B 111 -1.36 -17.16 21.16
CA GLU B 111 -1.07 -18.63 21.10
C GLU B 111 -0.27 -18.99 19.82
N TRP B 112 1.05 -18.94 19.93
CA TRP B 112 2.03 -19.47 18.94
C TRP B 112 1.43 -20.63 18.15
N GLY B 113 0.90 -21.65 18.85
CA GLY B 113 0.44 -22.92 18.25
C GLY B 113 -0.66 -22.74 17.20
N LYS B 114 -1.50 -21.71 17.37
CA LYS B 114 -2.64 -21.37 16.47
C LYS B 114 -2.11 -20.64 15.23
N LEU B 115 -1.24 -19.66 15.43
CA LEU B 115 -0.57 -19.01 14.26
C LEU B 115 -0.02 -20.12 13.37
N VAL B 116 0.77 -21.06 13.94
CA VAL B 116 1.31 -22.23 13.19
C VAL B 116 0.19 -22.86 12.36
N GLU B 117 -0.85 -23.35 13.04
CA GLU B 117 -2.03 -24.05 12.46
C GLU B 117 -2.53 -23.28 11.22
N THR B 118 -2.74 -21.98 11.35
CA THR B 118 -3.18 -21.16 10.19
C THR B 118 -2.17 -21.29 9.03
N LEU B 119 -0.86 -21.19 9.31
CA LEU B 119 0.22 -21.38 8.28
C LEU B 119 0.09 -22.77 7.64
N ARG B 120 0.32 -23.84 8.44
CA ARG B 120 0.30 -25.25 7.97
C ARG B 120 -0.90 -25.48 7.04
N ASN B 121 -2.08 -25.07 7.48
CA ASN B 121 -3.37 -25.40 6.80
C ASN B 121 -3.42 -24.65 5.46
N HIS B 122 -3.02 -23.39 5.40
CA HIS B 122 -3.01 -22.59 4.14
C HIS B 122 -1.91 -23.08 3.20
N ILE B 123 -0.73 -23.39 3.73
CA ILE B 123 0.42 -23.94 2.94
C ILE B 123 0.03 -25.31 2.36
N ARG B 124 -0.56 -26.19 3.16
CA ARG B 124 -1.12 -27.50 2.71
C ARG B 124 -2.04 -27.27 1.50
N MET B 125 -2.90 -26.26 1.59
CA MET B 125 -3.86 -25.88 0.52
C MET B 125 -3.04 -25.64 -0.76
N LEU B 126 -1.91 -24.94 -0.62
CA LEU B 126 -1.03 -24.47 -1.74
C LEU B 126 -0.27 -25.65 -2.32
N ASN B 127 0.26 -26.53 -1.46
CA ASN B 127 0.98 -27.77 -1.88
C ASN B 127 0.05 -28.51 -2.84
N PHE B 128 -1.14 -28.90 -2.37
CA PHE B 128 -2.21 -29.52 -3.18
C PHE B 128 -2.50 -28.63 -4.40
N SER B 129 -3.01 -27.42 -4.14
CA SER B 129 -3.30 -26.38 -5.16
C SER B 129 -2.31 -26.48 -6.31
N TYR B 130 -1.00 -26.55 -6.00
CA TYR B 130 0.10 -26.54 -7.01
C TYR B 130 0.12 -27.86 -7.77
N ARG B 131 0.19 -29.02 -7.08
CA ARG B 131 0.17 -30.35 -7.73
C ARG B 131 -0.78 -30.28 -8.92
N THR B 132 -1.99 -29.81 -8.66
CA THR B 132 -3.14 -29.75 -9.62
C THR B 132 -2.71 -28.89 -10.81
N GLY B 133 -2.30 -27.63 -10.58
CA GLY B 133 -1.81 -26.70 -11.63
C GLY B 133 -0.79 -27.33 -12.59
N LEU B 134 0.06 -28.24 -12.09
CA LEU B 134 1.07 -28.98 -12.92
C LEU B 134 0.35 -30.06 -13.74
N ARG B 135 -0.49 -30.86 -13.09
CA ARG B 135 -1.29 -31.94 -13.74
C ARG B 135 -2.11 -31.30 -14.87
N VAL B 136 -2.85 -30.23 -14.56
CA VAL B 136 -3.85 -29.58 -15.44
C VAL B 136 -3.13 -28.84 -16.57
N GLY B 137 -1.96 -28.25 -16.31
CA GLY B 137 -1.06 -27.70 -17.34
C GLY B 137 -0.21 -28.78 -18.00
N ASN B 138 -0.51 -30.05 -17.70
CA ASN B 138 0.03 -31.27 -18.36
C ASN B 138 1.55 -31.37 -18.16
N VAL B 139 1.97 -31.66 -16.92
CA VAL B 139 3.41 -31.74 -16.50
C VAL B 139 3.54 -32.95 -15.56
N GLU B 140 4.55 -33.81 -15.77
CA GLU B 140 4.75 -35.04 -14.97
C GLU B 140 5.61 -34.73 -13.75
N TYR B 141 4.97 -34.37 -12.64
CA TYR B 141 5.60 -34.23 -11.30
C TYR B 141 5.96 -35.63 -10.79
N ILE B 142 7.19 -35.77 -10.26
CA ILE B 142 7.64 -36.98 -9.53
C ILE B 142 8.37 -36.54 -8.24
N ASN B 143 7.90 -37.02 -7.09
CA ASN B 143 8.44 -36.71 -5.75
C ASN B 143 9.61 -37.65 -5.42
N ALA B 144 10.85 -37.29 -5.80
CA ALA B 144 12.10 -38.04 -5.49
C ALA B 144 13.33 -37.33 -6.08
N LEU B 145 14.52 -37.54 -5.48
CA LEU B 145 15.82 -36.86 -5.81
C LEU B 145 16.28 -37.23 -7.22
N ALA B 146 16.77 -36.24 -7.99
CA ALA B 146 17.42 -36.44 -9.31
C ALA B 146 18.94 -36.32 -9.18
N LYS B 147 19.69 -36.83 -10.19
CA LYS B 147 21.18 -36.84 -10.22
C LYS B 147 21.68 -36.97 -11.66
N LEU B 148 22.29 -35.90 -12.21
CA LEU B 148 22.80 -35.83 -13.60
C LEU B 148 23.70 -37.04 -13.90
N ILE B 149 23.45 -37.73 -15.01
CA ILE B 149 24.25 -38.89 -15.52
C ILE B 149 25.04 -38.50 -16.78
N ASP B 150 24.61 -37.47 -17.52
CA ASP B 150 25.35 -36.90 -18.68
C ASP B 150 24.53 -35.78 -19.31
N PRO B 151 25.13 -34.96 -20.21
CA PRO B 151 24.44 -33.85 -20.87
C PRO B 151 22.94 -33.98 -21.18
N HIS B 152 22.38 -35.18 -21.27
CA HIS B 152 20.97 -35.42 -21.68
C HIS B 152 20.29 -36.52 -20.85
N SER B 153 20.90 -37.00 -19.76
CA SER B 153 20.37 -38.14 -18.95
C SER B 153 20.39 -37.81 -17.44
N VAL B 154 19.45 -38.40 -16.68
CA VAL B 154 19.28 -38.20 -15.22
C VAL B 154 18.77 -39.49 -14.56
N GLU B 155 19.07 -39.65 -13.27
CA GLU B 155 18.78 -40.87 -12.46
C GLU B 155 18.06 -40.46 -11.18
N TYR B 156 16.96 -41.17 -10.85
CA TYR B 156 16.23 -41.07 -9.57
C TYR B 156 15.99 -42.48 -9.00
N GLU B 157 15.25 -42.57 -7.88
CA GLU B 157 14.83 -43.83 -7.23
C GLU B 157 13.31 -43.99 -7.35
N ASP B 158 12.86 -45.22 -7.58
CA ASP B 158 11.44 -45.65 -7.78
C ASP B 158 11.26 -47.03 -7.13
N ASN B 159 10.57 -47.11 -5.99
CA ASN B 159 10.44 -48.31 -5.13
C ASN B 159 11.77 -48.60 -4.40
N GLY B 160 12.74 -47.68 -4.50
CA GLY B 160 14.14 -47.90 -4.08
C GLY B 160 14.96 -48.55 -5.19
N GLN B 161 14.44 -48.55 -6.41
CA GLN B 161 15.09 -49.09 -7.65
C GLN B 161 15.39 -47.90 -8.57
N LYS B 162 16.66 -47.71 -8.92
CA LYS B 162 17.15 -46.52 -9.67
C LYS B 162 16.78 -46.64 -11.16
N LYS B 163 15.95 -45.72 -11.64
CA LYS B 163 15.49 -45.62 -13.05
C LYS B 163 16.06 -44.33 -13.66
N THR B 164 16.18 -44.30 -14.99
CA THR B 164 16.96 -43.28 -15.76
C THR B 164 16.16 -42.88 -17.00
N ILE B 165 16.11 -41.56 -17.28
CA ILE B 165 15.37 -40.97 -18.43
C ILE B 165 16.31 -40.00 -19.16
N THR B 166 15.96 -39.59 -20.39
CA THR B 166 16.78 -38.72 -21.30
C THR B 166 15.96 -37.54 -21.84
N SER B 167 16.59 -36.37 -21.98
CA SER B 167 15.94 -35.08 -22.39
C SER B 167 16.76 -34.35 -23.45
N ARG B 168 16.10 -33.50 -24.25
CA ARG B 168 16.76 -32.59 -25.24
C ARG B 168 17.46 -31.46 -24.49
N TYR B 169 16.75 -30.89 -23.51
CA TYR B 169 17.24 -29.88 -22.54
C TYR B 169 16.91 -30.33 -21.12
N ILE B 170 17.74 -29.90 -20.16
CA ILE B 170 17.52 -30.10 -18.69
C ILE B 170 17.68 -28.74 -17.99
N LEU B 171 16.83 -28.48 -17.00
CA LEU B 171 16.90 -27.26 -16.17
C LEU B 171 17.28 -27.64 -14.75
N LEU B 172 18.44 -27.17 -14.29
CA LEU B 172 18.78 -27.16 -12.84
C LEU B 172 18.18 -25.91 -12.20
N ALA B 173 17.46 -26.07 -11.08
CA ALA B 173 17.03 -24.98 -10.17
C ALA B 173 16.61 -25.60 -8.83
N THR B 174 17.56 -26.23 -8.15
CA THR B 174 17.33 -27.03 -6.91
C THR B 174 17.22 -26.12 -5.69
N GLY B 175 17.32 -24.80 -5.89
CA GLY B 175 17.30 -23.83 -4.78
C GLY B 175 18.52 -24.03 -3.89
N GLY B 176 18.63 -23.17 -2.86
CA GLY B 176 19.61 -23.26 -1.77
C GLY B 176 18.96 -23.79 -0.51
N ARG B 177 19.75 -23.89 0.55
CA ARG B 177 19.28 -24.17 1.93
C ARG B 177 20.13 -23.34 2.87
N PRO B 178 19.75 -23.19 4.16
CA PRO B 178 20.55 -22.41 5.12
C PRO B 178 21.99 -22.92 5.30
N SER B 179 22.90 -21.97 5.54
CA SER B 179 24.30 -22.18 5.97
C SER B 179 24.40 -21.98 7.49
N ILE B 180 24.50 -23.09 8.24
CA ILE B 180 24.96 -23.12 9.67
C ILE B 180 26.48 -23.31 9.70
N PRO B 181 27.28 -22.37 10.22
CA PRO B 181 28.74 -22.52 10.23
C PRO B 181 29.22 -23.69 11.11
N GLU B 182 30.05 -24.57 10.54
CA GLU B 182 30.55 -25.83 11.17
C GLU B 182 31.80 -25.55 12.01
N THR B 183 32.35 -24.34 11.94
CA THR B 183 33.51 -23.87 12.75
C THR B 183 33.06 -23.57 14.19
N VAL B 184 31.84 -23.05 14.39
CA VAL B 184 31.28 -22.69 15.73
C VAL B 184 30.68 -23.96 16.34
N PRO B 185 31.26 -24.53 17.42
CA PRO B 185 30.79 -25.79 17.99
C PRO B 185 29.52 -25.70 18.84
N GLY B 186 28.64 -26.68 18.65
CA GLY B 186 27.29 -26.74 19.25
C GLY B 186 26.27 -26.01 18.40
N ALA B 187 26.65 -25.52 17.22
CA ALA B 187 25.74 -24.84 16.28
C ALA B 187 24.81 -25.87 15.66
N ILE B 188 25.34 -26.81 14.88
CA ILE B 188 24.52 -27.68 13.98
C ILE B 188 23.58 -28.49 14.86
N GLN B 189 24.08 -28.95 16.00
CA GLN B 189 23.37 -29.92 16.87
C GLN B 189 22.17 -29.25 17.55
N TYR B 190 22.13 -27.91 17.63
CA TYR B 190 21.21 -27.15 18.52
C TYR B 190 20.48 -26.04 17.76
N SER B 191 21.22 -25.03 17.29
CA SER B 191 20.70 -23.86 16.51
CA SER B 191 20.69 -23.86 16.53
C SER B 191 19.62 -24.33 15.53
N ILE B 192 18.56 -23.53 15.37
CA ILE B 192 17.54 -23.78 14.30
C ILE B 192 17.86 -22.88 13.11
N THR B 193 17.05 -22.99 12.05
CA THR B 193 17.14 -22.17 10.80
C THR B 193 15.77 -21.63 10.41
N SER B 194 15.74 -20.84 9.33
CA SER B 194 14.50 -20.28 8.74
C SER B 194 13.57 -21.41 8.29
N ASP B 195 14.07 -22.63 8.08
CA ASP B 195 13.22 -23.79 7.66
C ASP B 195 12.49 -24.44 8.85
N ASP B 196 12.70 -23.99 10.10
CA ASP B 196 12.08 -24.59 11.32
C ASP B 196 11.10 -23.62 11.95
N ILE B 197 11.35 -22.32 11.80
CA ILE B 197 10.79 -21.24 12.68
C ILE B 197 9.27 -21.11 12.50
N PHE B 198 8.70 -21.43 11.34
CA PHE B 198 7.26 -21.14 11.10
C PHE B 198 6.45 -22.24 11.79
N PHE B 199 7.06 -23.42 12.07
CA PHE B 199 6.33 -24.68 12.37
C PHE B 199 6.73 -25.32 13.71
N LEU B 200 7.58 -24.63 14.47
CA LEU B 200 8.00 -25.05 15.83
C LEU B 200 6.75 -25.56 16.57
N SER B 201 6.73 -26.84 16.92
CA SER B 201 5.74 -27.43 17.85
CA SER B 201 5.73 -27.42 17.86
C SER B 201 5.80 -26.70 19.20
N LYS B 202 6.82 -25.85 19.40
CA LYS B 202 7.07 -25.13 20.68
C LYS B 202 7.31 -23.63 20.46
N SER B 203 6.63 -22.77 21.22
CA SER B 203 6.95 -21.31 21.33
C SER B 203 8.41 -21.15 21.74
N PRO B 204 9.23 -20.43 20.94
CA PRO B 204 10.68 -20.47 21.07
C PRO B 204 11.26 -19.73 22.29
N GLY B 205 10.42 -18.96 22.99
CA GLY B 205 10.77 -17.88 23.94
C GLY B 205 11.93 -16.97 23.50
N LYS B 206 12.77 -16.61 24.48
CA LYS B 206 14.00 -15.78 24.37
C LYS B 206 14.82 -16.34 23.21
N THR B 207 15.07 -15.52 22.18
CA THR B 207 15.69 -15.96 20.92
C THR B 207 16.87 -15.04 20.52
N LEU B 208 18.03 -15.66 20.29
CA LEU B 208 19.19 -15.04 19.59
C LEU B 208 19.02 -15.30 18.11
N VAL B 209 19.09 -14.27 17.27
CA VAL B 209 19.19 -14.38 15.77
C VAL B 209 20.58 -13.87 15.38
N ILE B 210 21.36 -14.68 14.66
CA ILE B 210 22.73 -14.35 14.19
C ILE B 210 22.64 -14.03 12.69
N GLY B 211 22.64 -12.73 12.39
CA GLY B 211 22.61 -12.22 11.02
C GLY B 211 21.60 -11.10 10.92
N ALA B 212 22.02 -9.98 10.33
CA ALA B 212 21.15 -8.84 10.05
C ALA B 212 21.03 -8.73 8.52
N SER B 213 20.85 -9.89 7.88
CA SER B 213 20.35 -10.07 6.50
C SER B 213 18.86 -9.74 6.51
N TYR B 214 18.20 -9.67 5.35
CA TYR B 214 16.74 -9.45 5.24
C TYR B 214 16.00 -10.49 6.11
N ILE B 215 16.37 -11.78 6.05
CA ILE B 215 15.72 -12.84 6.86
C ILE B 215 15.87 -12.46 8.34
N GLY B 216 17.08 -12.47 8.89
CA GLY B 216 17.31 -12.23 10.33
C GLY B 216 16.50 -11.03 10.78
N LEU B 217 16.66 -9.89 10.10
CA LEU B 217 15.96 -8.66 10.49
C LEU B 217 14.47 -8.96 10.53
N GLU B 218 13.93 -9.58 9.46
CA GLU B 218 12.49 -9.83 9.30
C GLU B 218 12.05 -10.71 10.45
N THR B 219 12.69 -11.89 10.61
CA THR B 219 12.41 -12.90 11.67
C THR B 219 12.57 -12.36 13.11
N ALA B 220 13.63 -11.65 13.44
CA ALA B 220 13.76 -10.98 14.76
C ALA B 220 12.68 -9.87 14.84
N GLY B 221 12.11 -9.50 13.68
CA GLY B 221 11.04 -8.50 13.63
C GLY B 221 9.71 -8.99 14.18
N PHE B 222 9.31 -10.23 13.88
CA PHE B 222 7.95 -10.70 14.22
CA PHE B 222 7.96 -10.75 14.19
C PHE B 222 7.99 -11.40 15.58
N LEU B 223 9.08 -12.10 15.88
CA LEU B 223 9.32 -12.63 17.25
C LEU B 223 9.19 -11.47 18.26
N ASN B 224 9.84 -10.33 18.01
CA ASN B 224 9.74 -9.15 18.94
C ASN B 224 8.30 -8.66 18.94
N GLU B 225 7.81 -8.12 17.82
CA GLU B 225 6.41 -7.64 17.69
C GLU B 225 5.42 -8.60 18.39
N LEU B 226 5.69 -9.91 18.37
CA LEU B 226 4.83 -10.96 19.00
C LEU B 226 5.25 -11.23 20.45
N GLY B 227 6.21 -10.45 20.98
CA GLY B 227 6.50 -10.31 22.43
C GLY B 227 7.48 -11.33 23.01
N PHE B 228 8.44 -11.85 22.22
CA PHE B 228 9.54 -12.73 22.69
C PHE B 228 10.86 -11.94 22.78
N ASP B 229 11.53 -11.97 23.94
CA ASP B 229 12.86 -11.34 24.16
C ASP B 229 13.70 -11.72 22.94
N THR B 230 13.96 -10.76 22.06
CA THR B 230 14.65 -10.95 20.75
C THR B 230 15.93 -10.10 20.70
N THR B 231 17.09 -10.76 20.70
CA THR B 231 18.42 -10.14 20.47
C THR B 231 18.85 -10.43 19.04
N VAL B 232 19.61 -9.52 18.41
CA VAL B 232 20.24 -9.75 17.07
C VAL B 232 21.75 -9.55 17.15
N ALA B 233 22.52 -10.55 16.69
CA ALA B 233 23.99 -10.62 16.76
C ALA B 233 24.56 -10.33 15.36
N MET B 234 25.08 -9.12 15.16
CA MET B 234 25.41 -8.53 13.83
C MET B 234 26.94 -8.45 13.69
N ARG B 235 27.55 -9.27 12.83
CA ARG B 235 29.02 -9.29 12.61
C ARG B 235 29.50 -7.85 12.35
N SER B 236 28.84 -7.09 11.46
CA SER B 236 29.24 -5.70 11.11
C SER B 236 28.04 -4.77 10.96
N ILE B 237 27.41 -4.73 9.78
CA ILE B 237 26.38 -3.73 9.40
C ILE B 237 25.10 -4.46 8.99
N PRO B 238 23.92 -3.79 9.08
CA PRO B 238 22.63 -4.40 8.78
C PRO B 238 22.28 -4.35 7.29
N LEU B 239 21.81 -5.47 6.75
CA LEU B 239 21.40 -5.56 5.33
C LEU B 239 22.55 -5.07 4.49
N ARG B 240 23.68 -5.75 4.58
CA ARG B 240 24.81 -5.51 3.65
C ARG B 240 24.23 -5.53 2.23
N GLY B 241 24.69 -4.58 1.41
CA GLY B 241 24.25 -4.41 0.03
C GLY B 241 23.36 -3.18 -0.10
N PHE B 242 22.34 -3.09 0.73
CA PHE B 242 21.24 -2.12 0.48
C PHE B 242 21.71 -0.74 0.94
N ASP B 243 20.90 0.29 0.66
CA ASP B 243 21.15 1.72 1.00
C ASP B 243 21.29 1.90 2.51
N ARG B 244 22.35 2.60 2.93
CA ARG B 244 22.78 2.68 4.35
C ARG B 244 21.74 3.46 5.15
N GLN B 245 21.36 4.66 4.71
CA GLN B 245 20.39 5.49 5.46
C GLN B 245 19.14 4.66 5.76
N CYS B 246 18.58 4.02 4.73
CA CYS B 246 17.31 3.26 4.84
C CYS B 246 17.48 2.10 5.85
N SER B 247 18.55 1.30 5.74
CA SER B 247 18.86 0.21 6.72
C SER B 247 19.09 0.74 8.15
N GLU B 248 19.66 1.93 8.31
CA GLU B 248 20.01 2.49 9.64
C GLU B 248 18.72 2.91 10.37
N LYS B 249 17.73 3.42 9.64
CA LYS B 249 16.37 3.72 10.18
C LYS B 249 15.65 2.45 10.67
N ILE B 250 15.73 1.38 9.91
CA ILE B 250 15.08 0.10 10.28
C ILE B 250 15.59 -0.34 11.65
N VAL B 251 16.91 -0.47 11.79
CA VAL B 251 17.55 -0.89 13.06
C VAL B 251 17.12 0.10 14.13
N GLU B 252 17.19 1.40 13.86
CA GLU B 252 16.86 2.43 14.87
C GLU B 252 15.43 2.20 15.34
N TYR B 253 14.50 1.86 14.43
CA TYR B 253 13.06 1.62 14.73
C TYR B 253 12.88 0.39 15.61
N MET B 254 13.73 -0.63 15.40
CA MET B 254 13.61 -1.94 16.09
C MET B 254 14.21 -1.86 17.51
N LYS B 255 15.32 -1.16 17.70
CA LYS B 255 15.84 -0.82 19.04
C LYS B 255 14.73 -0.14 19.85
N ALA B 256 14.00 0.79 19.21
CA ALA B 256 12.96 1.62 19.87
C ALA B 256 11.80 0.76 20.37
N THR B 257 11.68 -0.45 19.81
CA THR B 257 10.51 -1.36 19.99
C THR B 257 10.94 -2.65 20.71
N GLY B 258 12.14 -2.70 21.27
CA GLY B 258 12.56 -3.75 22.21
C GLY B 258 13.31 -4.90 21.55
N THR B 259 13.89 -4.71 20.36
CA THR B 259 14.89 -5.64 19.78
C THR B 259 16.25 -5.14 20.24
N LYS B 260 17.12 -6.02 20.73
CA LYS B 260 18.49 -5.70 21.25
C LYS B 260 19.49 -6.06 20.16
N PHE B 261 20.68 -5.43 20.10
CA PHE B 261 21.63 -5.55 18.97
C PHE B 261 23.10 -5.58 19.42
N LEU B 262 23.71 -6.78 19.45
CA LEU B 262 25.17 -7.00 19.68
C LEU B 262 25.92 -6.87 18.34
N VAL B 263 26.51 -5.69 18.11
CA VAL B 263 27.42 -5.35 16.98
C VAL B 263 28.73 -6.14 17.12
N GLY B 264 29.43 -6.38 16.01
CA GLY B 264 30.87 -6.73 15.98
C GLY B 264 31.20 -7.96 16.81
N VAL B 265 30.24 -8.88 16.92
CA VAL B 265 30.26 -10.03 17.88
C VAL B 265 29.46 -11.18 17.27
N VAL B 266 30.14 -12.30 16.98
CA VAL B 266 29.53 -13.58 16.52
C VAL B 266 29.66 -14.61 17.64
N PRO B 267 28.91 -15.73 17.57
CA PRO B 267 29.13 -16.84 18.49
C PRO B 267 30.43 -17.57 18.16
N ILE B 268 31.12 -18.07 19.19
CA ILE B 268 32.35 -18.92 19.08
C ILE B 268 32.10 -20.28 19.76
N ASN B 269 30.99 -20.42 20.50
CA ASN B 269 30.61 -21.68 21.19
C ASN B 269 29.12 -21.66 21.55
N ILE B 270 28.49 -22.83 21.41
CA ILE B 270 27.06 -23.07 21.76
C ILE B 270 26.96 -24.41 22.50
N GLU B 271 26.41 -24.41 23.72
CA GLU B 271 26.25 -25.64 24.53
C GLU B 271 24.88 -25.63 25.24
N LYS B 272 24.41 -26.83 25.57
CA LYS B 272 23.12 -27.09 26.28
C LYS B 272 23.37 -27.12 27.79
N VAL B 273 23.11 -26.00 28.47
CA VAL B 273 23.16 -25.85 29.94
C VAL B 273 21.75 -26.11 30.49
N ASN B 274 21.49 -27.38 30.84
CA ASN B 274 20.18 -27.95 31.26
C ASN B 274 19.21 -27.90 30.07
N GLU B 275 18.10 -27.15 30.17
CA GLU B 275 17.08 -27.01 29.09
C GLU B 275 17.16 -25.61 28.48
N ASN B 276 18.32 -24.95 28.62
CA ASN B 276 18.64 -23.65 27.95
C ASN B 276 19.89 -23.82 27.09
N ILE B 277 20.20 -22.80 26.28
CA ILE B 277 21.34 -22.78 25.32
C ILE B 277 22.23 -21.60 25.67
N LYS B 278 23.39 -21.88 26.28
CA LYS B 278 24.39 -20.85 26.69
C LYS B 278 25.30 -20.60 25.48
N VAL B 279 25.61 -19.35 25.18
CA VAL B 279 26.17 -18.90 23.87
C VAL B 279 27.31 -17.91 24.12
N SER B 280 28.52 -18.43 24.35
CA SER B 280 29.81 -17.69 24.43
C SER B 280 30.08 -16.88 23.15
N PHE B 281 30.75 -15.72 23.29
CA PHE B 281 30.89 -14.71 22.21
C PHE B 281 32.36 -14.38 21.91
N SER B 282 32.55 -13.73 20.75
CA SER B 282 33.87 -13.35 20.17
C SER B 282 34.55 -12.25 20.98
N ASP B 283 33.78 -11.39 21.68
CA ASP B 283 34.33 -10.30 22.52
C ASP B 283 34.72 -10.84 23.91
N GLY B 284 34.10 -11.95 24.34
CA GLY B 284 34.30 -12.58 25.65
C GLY B 284 32.98 -13.00 26.26
N SER B 285 31.92 -12.20 26.09
CA SER B 285 30.64 -12.24 26.83
C SER B 285 29.89 -13.57 26.60
N VAL B 286 28.89 -13.80 27.46
CA VAL B 286 28.06 -15.04 27.54
C VAL B 286 26.58 -14.64 27.69
N GLU B 287 25.66 -15.49 27.20
CA GLU B 287 24.19 -15.29 27.35
C GLU B 287 23.46 -16.61 27.09
N GLU B 288 22.34 -16.82 27.79
CA GLU B 288 21.46 -18.02 27.66
C GLU B 288 20.20 -17.65 26.88
N PHE B 289 19.81 -18.52 25.95
CA PHE B 289 18.56 -18.38 25.15
C PHE B 289 17.80 -19.69 25.19
N GLU B 290 16.48 -19.64 25.02
CA GLU B 290 15.68 -20.85 24.74
C GLU B 290 15.71 -21.13 23.23
N THR B 291 16.44 -20.35 22.42
CA THR B 291 16.46 -20.46 20.94
C THR B 291 17.69 -19.76 20.33
N VAL B 292 18.34 -20.38 19.33
CA VAL B 292 19.35 -19.74 18.45
C VAL B 292 18.99 -20.10 16.99
N LEU B 293 19.15 -19.15 16.08
CA LEU B 293 18.70 -19.19 14.67
C LEU B 293 19.76 -18.56 13.78
N TYR B 294 20.38 -19.35 12.89
CA TYR B 294 21.47 -18.87 12.00
C TYR B 294 20.83 -18.35 10.72
N ALA B 295 20.85 -17.04 10.55
CA ALA B 295 20.40 -16.31 9.35
C ALA B 295 21.62 -15.75 8.63
N THR B 296 22.72 -16.50 8.58
CA THR B 296 24.04 -15.95 8.16
C THR B 296 24.18 -16.04 6.64
N GLY B 297 23.30 -16.81 5.99
CA GLY B 297 23.20 -16.90 4.51
C GLY B 297 22.68 -18.26 4.09
N ARG B 298 22.76 -18.55 2.78
CA ARG B 298 22.32 -19.84 2.18
C ARG B 298 23.34 -20.27 1.12
N ASN B 299 23.47 -21.58 0.90
CA ASN B 299 24.37 -22.19 -0.11
C ASN B 299 23.52 -22.98 -1.10
N PRO B 300 23.79 -22.90 -2.43
CA PRO B 300 23.06 -23.66 -3.43
C PRO B 300 23.12 -25.16 -3.12
N ASP B 301 21.95 -25.81 -3.11
CA ASP B 301 21.80 -27.25 -2.79
C ASP B 301 22.20 -28.07 -4.02
N VAL B 302 23.48 -28.13 -4.36
CA VAL B 302 23.95 -28.66 -5.68
C VAL B 302 24.91 -29.85 -5.55
N LYS B 303 25.16 -30.35 -4.35
CA LYS B 303 26.31 -31.27 -4.10
C LYS B 303 25.95 -32.68 -4.59
N GLY B 304 24.69 -33.08 -4.45
CA GLY B 304 24.17 -34.39 -4.88
C GLY B 304 23.86 -34.44 -6.36
N LEU B 305 23.86 -33.29 -7.06
CA LEU B 305 23.56 -33.20 -8.51
C LEU B 305 24.63 -33.96 -9.34
N ASN B 306 25.85 -34.07 -8.82
CA ASN B 306 27.00 -34.62 -9.58
C ASN B 306 27.19 -33.72 -10.80
N LEU B 307 27.70 -32.51 -10.59
CA LEU B 307 27.86 -31.47 -11.64
C LEU B 307 29.18 -31.71 -12.37
N ASN B 308 30.31 -31.47 -11.68
CA ASN B 308 31.66 -31.30 -12.29
C ASN B 308 31.96 -32.45 -13.24
N ALA B 309 31.59 -33.69 -12.88
CA ALA B 309 31.81 -34.90 -13.70
C ALA B 309 31.14 -34.73 -15.07
N ILE B 310 29.96 -34.10 -15.12
CA ILE B 310 29.18 -33.86 -16.37
C ILE B 310 29.88 -32.74 -17.16
N GLY B 311 30.40 -31.74 -16.45
CA GLY B 311 31.15 -30.59 -17.01
C GLY B 311 30.42 -29.27 -16.80
N VAL B 312 29.72 -29.11 -15.68
CA VAL B 312 29.01 -27.86 -15.27
C VAL B 312 29.98 -26.98 -14.46
N GLU B 313 30.51 -25.92 -15.06
CA GLU B 313 31.47 -24.97 -14.42
C GLU B 313 30.74 -24.21 -13.31
N VAL B 314 31.11 -24.47 -12.05
CA VAL B 314 30.53 -23.86 -10.81
C VAL B 314 31.51 -22.84 -10.23
N SER B 315 31.03 -21.67 -9.84
CA SER B 315 31.82 -20.51 -9.34
C SER B 315 32.59 -20.86 -8.08
N ASP B 316 33.57 -20.03 -7.73
CA ASP B 316 34.30 -20.04 -6.44
C ASP B 316 33.30 -20.04 -5.29
N SER B 317 32.08 -19.53 -5.52
CA SER B 317 31.03 -19.32 -4.49
C SER B 317 30.08 -20.52 -4.39
N GLY B 318 30.34 -21.61 -5.13
CA GLY B 318 29.48 -22.82 -5.19
C GLY B 318 28.33 -22.64 -6.16
N LYS B 319 27.81 -21.42 -6.29
CA LYS B 319 26.73 -21.10 -7.25
C LYS B 319 27.21 -21.52 -8.64
N ILE B 320 26.28 -21.89 -9.52
CA ILE B 320 26.55 -22.32 -10.93
C ILE B 320 26.80 -21.07 -11.78
N ILE B 321 27.56 -21.22 -12.86
CA ILE B 321 27.88 -20.12 -13.81
C ILE B 321 27.04 -20.31 -15.07
N ALA B 322 26.06 -19.43 -15.29
CA ALA B 322 25.05 -19.50 -16.39
C ALA B 322 24.28 -18.19 -16.46
N PRO B 323 24.93 -17.06 -16.80
CA PRO B 323 24.33 -15.73 -16.67
C PRO B 323 23.28 -15.44 -17.75
N LYS B 324 23.20 -16.31 -18.77
CA LYS B 324 22.13 -16.33 -19.80
C LYS B 324 21.29 -17.59 -19.58
N ASP B 325 21.27 -18.07 -18.33
CA ASP B 325 20.52 -19.27 -17.88
C ASP B 325 21.09 -20.54 -18.54
N ALA B 326 22.29 -20.46 -19.15
CA ALA B 326 22.91 -21.56 -19.91
C ALA B 326 24.31 -21.87 -19.35
N THR B 327 24.53 -23.13 -18.98
CA THR B 327 25.70 -23.64 -18.22
C THR B 327 26.89 -23.84 -19.17
N SER B 328 27.92 -24.57 -18.72
CA SER B 328 29.06 -25.00 -19.56
CA SER B 328 29.07 -25.00 -19.56
C SER B 328 28.63 -26.11 -20.52
N VAL B 329 27.69 -26.95 -20.09
CA VAL B 329 27.05 -27.98 -20.96
C VAL B 329 25.84 -27.33 -21.61
N PRO B 330 25.86 -27.05 -22.94
CA PRO B 330 24.82 -26.24 -23.59
C PRO B 330 23.48 -26.94 -23.79
N SER B 331 23.39 -28.24 -23.48
CA SER B 331 22.10 -28.97 -23.35
C SER B 331 21.51 -28.75 -21.95
N ILE B 332 22.16 -27.94 -21.12
CA ILE B 332 21.89 -27.79 -19.66
C ILE B 332 21.78 -26.30 -19.29
N PHE B 333 20.75 -25.96 -18.52
CA PHE B 333 20.42 -24.57 -18.08
C PHE B 333 20.32 -24.55 -16.54
N ALA B 334 20.15 -23.34 -15.97
CA ALA B 334 20.03 -23.11 -14.52
C ALA B 334 19.22 -21.83 -14.28
N VAL B 335 18.44 -21.73 -13.18
CA VAL B 335 17.69 -20.50 -12.81
C VAL B 335 17.41 -20.46 -11.30
N GLY B 336 17.31 -19.25 -10.76
CA GLY B 336 16.92 -18.97 -9.37
C GLY B 336 18.12 -18.92 -8.44
N ASP B 337 17.91 -19.17 -7.15
CA ASP B 337 18.91 -18.99 -6.08
C ASP B 337 20.23 -19.76 -6.39
N ILE B 338 20.30 -20.65 -7.38
CA ILE B 338 21.53 -21.47 -7.63
C ILE B 338 22.48 -20.77 -8.62
N VAL B 339 21.97 -19.91 -9.54
CA VAL B 339 22.78 -19.19 -10.59
C VAL B 339 23.43 -17.95 -9.98
N GLU B 340 24.68 -17.63 -10.38
CA GLU B 340 25.55 -16.60 -9.75
C GLU B 340 25.27 -15.21 -10.32
N GLY B 341 25.46 -14.20 -9.48
CA GLY B 341 25.26 -12.77 -9.76
C GLY B 341 23.85 -12.50 -10.24
N ARG B 342 22.84 -12.99 -9.48
CA ARG B 342 21.43 -12.56 -9.61
C ARG B 342 20.75 -12.51 -8.23
N PRO B 343 19.77 -11.61 -8.04
CA PRO B 343 19.19 -11.46 -6.71
C PRO B 343 18.51 -12.78 -6.31
N GLU B 344 18.52 -13.09 -5.02
CA GLU B 344 17.80 -14.25 -4.45
C GLU B 344 16.35 -13.83 -4.18
N LEU B 345 15.52 -14.02 -5.21
CA LEU B 345 14.12 -13.56 -5.25
C LEU B 345 13.25 -14.58 -5.99
N THR B 346 11.96 -14.54 -5.67
CA THR B 346 10.88 -15.38 -6.25
C THR B 346 10.69 -14.87 -7.67
N PRO B 347 10.27 -13.61 -7.89
CA PRO B 347 9.84 -13.17 -9.21
C PRO B 347 10.94 -13.26 -10.27
N VAL B 348 12.21 -13.16 -9.84
CA VAL B 348 13.38 -13.20 -10.74
C VAL B 348 13.51 -14.65 -11.19
N ALA B 349 13.32 -15.59 -10.28
CA ALA B 349 13.23 -17.04 -10.59
C ALA B 349 12.19 -17.20 -11.70
N VAL B 350 10.93 -16.92 -11.35
CA VAL B 350 9.73 -17.09 -12.20
C VAL B 350 9.88 -16.50 -13.61
N LYS B 351 10.06 -15.19 -13.76
CA LYS B 351 10.17 -14.60 -15.13
C LYS B 351 11.33 -15.29 -15.86
N ALA B 352 12.44 -15.58 -15.22
CA ALA B 352 13.60 -16.17 -15.90
C ALA B 352 13.21 -17.57 -16.39
N GLY B 353 12.52 -18.30 -15.52
CA GLY B 353 12.03 -19.66 -15.79
C GLY B 353 11.04 -19.68 -16.93
N ILE B 354 10.07 -18.75 -16.93
CA ILE B 354 9.04 -18.61 -17.99
C ILE B 354 9.77 -18.36 -19.33
N LEU B 355 10.46 -17.22 -19.43
CA LEU B 355 11.27 -16.79 -20.60
C LEU B 355 12.08 -17.97 -21.17
N LEU B 356 13.00 -18.56 -20.41
CA LEU B 356 13.83 -19.69 -20.90
C LEU B 356 12.92 -20.73 -21.56
N ALA B 357 11.73 -21.03 -21.02
CA ALA B 357 10.76 -21.97 -21.64
C ALA B 357 10.22 -21.37 -22.94
N ARG B 358 10.07 -20.05 -23.03
CA ARG B 358 9.71 -19.35 -24.30
C ARG B 358 10.88 -19.41 -25.29
N ARG B 359 12.06 -18.92 -24.89
CA ARG B 359 13.23 -18.72 -25.78
C ARG B 359 13.49 -20.00 -26.55
N LEU B 360 13.59 -21.13 -25.83
CA LEU B 360 13.90 -22.46 -26.41
C LEU B 360 12.84 -22.81 -27.46
N PHE B 361 11.59 -22.95 -27.03
CA PHE B 361 10.52 -23.75 -27.68
C PHE B 361 9.53 -22.89 -28.48
N ALA B 362 9.33 -21.61 -28.13
CA ALA B 362 8.40 -20.70 -28.83
C ALA B 362 9.12 -19.45 -29.33
N GLY B 363 10.25 -19.65 -30.02
CA GLY B 363 10.94 -18.66 -30.86
C GLY B 363 10.93 -17.27 -30.25
N SER B 364 11.75 -17.07 -29.21
CA SER B 364 11.81 -15.85 -28.37
C SER B 364 13.28 -15.55 -28.06
N ASN B 365 13.59 -14.27 -27.82
CA ASN B 365 14.97 -13.72 -27.68
C ASN B 365 15.10 -12.90 -26.39
N GLU B 366 14.06 -12.91 -25.53
CA GLU B 366 13.89 -12.00 -24.36
C GLU B 366 14.73 -12.49 -23.20
N PHE B 367 15.35 -11.55 -22.47
CA PHE B 367 16.06 -11.76 -21.18
C PHE B 367 15.54 -10.74 -20.17
N ILE B 368 15.71 -11.01 -18.87
CA ILE B 368 15.33 -10.08 -17.77
C ILE B 368 16.27 -8.87 -17.84
N ASP B 369 15.68 -7.66 -17.88
CA ASP B 369 16.34 -6.39 -17.48
C ASP B 369 16.62 -6.50 -15.96
N TYR B 370 17.84 -6.86 -15.57
CA TYR B 370 18.26 -6.99 -14.15
C TYR B 370 18.72 -5.62 -13.62
N ASP B 371 18.52 -4.57 -14.40
CA ASP B 371 18.73 -3.20 -13.88
C ASP B 371 17.52 -2.78 -13.05
N PHE B 372 16.37 -3.48 -13.09
CA PHE B 372 15.11 -2.98 -12.47
C PHE B 372 14.32 -4.10 -11.78
N VAL B 373 14.84 -4.57 -10.64
CA VAL B 373 14.24 -5.66 -9.83
C VAL B 373 13.88 -5.07 -8.47
N PRO B 374 12.59 -4.82 -8.20
CA PRO B 374 12.19 -4.21 -6.95
C PRO B 374 12.35 -5.30 -5.88
N THR B 375 12.28 -4.89 -4.61
CA THR B 375 12.32 -5.77 -3.43
C THR B 375 11.74 -4.98 -2.25
N THR B 376 11.26 -5.69 -1.22
CA THR B 376 10.68 -5.11 0.01
C THR B 376 11.07 -5.98 1.19
N VAL B 377 11.67 -5.39 2.21
CA VAL B 377 12.03 -6.10 3.48
C VAL B 377 10.86 -5.88 4.41
N PHE B 378 10.25 -6.94 4.95
CA PHE B 378 9.01 -6.80 5.75
C PHE B 378 9.36 -6.71 7.24
N THR B 379 10.26 -5.80 7.60
CA THR B 379 10.59 -5.43 9.00
C THR B 379 9.43 -4.69 9.66
N PRO B 380 9.44 -4.55 11.01
CA PRO B 380 8.36 -3.87 11.72
C PRO B 380 7.99 -2.58 10.98
N ILE B 381 8.95 -1.92 10.34
CA ILE B 381 8.62 -0.98 9.23
C ILE B 381 9.17 -1.56 7.95
N GLU B 382 8.34 -1.65 6.92
CA GLU B 382 8.71 -2.32 5.65
C GLU B 382 9.54 -1.32 4.83
N TYR B 383 10.57 -1.82 4.15
CA TYR B 383 11.48 -1.01 3.30
C TYR B 383 11.41 -1.59 1.89
N GLY B 384 10.92 -0.83 0.91
CA GLY B 384 11.00 -1.24 -0.52
C GLY B 384 11.97 -0.37 -1.32
N HIS B 385 12.42 -0.82 -2.50
CA HIS B 385 13.26 -0.01 -3.41
C HIS B 385 13.55 -0.70 -4.74
N VAL B 386 13.82 0.13 -5.76
CA VAL B 386 14.43 -0.31 -7.04
C VAL B 386 15.62 0.60 -7.37
N GLY B 387 16.58 0.05 -8.11
CA GLY B 387 17.77 0.82 -8.50
C GLY B 387 18.71 1.04 -7.33
N LEU B 388 19.55 2.07 -7.46
CA LEU B 388 20.86 2.21 -6.75
C LEU B 388 20.63 2.85 -5.39
N SER B 389 21.27 2.28 -4.38
CA SER B 389 21.51 2.90 -3.05
C SER B 389 22.21 4.22 -3.28
N SER B 390 21.95 5.23 -2.43
CA SER B 390 22.68 6.54 -2.42
C SER B 390 24.17 6.25 -2.68
N GLU B 391 24.73 5.28 -1.95
CA GLU B 391 26.16 4.90 -1.99
C GLU B 391 26.53 4.51 -3.42
N ALA B 392 25.83 3.52 -3.99
CA ALA B 392 26.13 2.92 -5.31
C ALA B 392 26.03 3.97 -6.42
N ALA B 393 25.11 4.94 -6.27
CA ALA B 393 24.86 6.05 -7.22
C ALA B 393 25.94 7.11 -7.09
N ILE B 394 26.48 7.29 -5.87
CA ILE B 394 27.57 8.25 -5.55
C ILE B 394 28.86 7.76 -6.23
N ALA B 395 29.09 6.43 -6.24
CA ALA B 395 30.26 5.79 -6.87
C ALA B 395 30.17 5.99 -8.39
N LYS B 396 29.19 5.35 -9.03
CA LYS B 396 29.00 5.27 -10.51
C LYS B 396 29.03 6.67 -11.15
N TYR B 397 28.54 7.71 -10.47
CA TYR B 397 28.28 9.07 -11.02
C TYR B 397 28.97 10.18 -10.23
N GLY B 398 29.52 9.90 -9.05
CA GLY B 398 30.29 10.88 -8.27
C GLY B 398 29.40 11.94 -7.64
N GLU B 399 29.91 12.56 -6.57
CA GLU B 399 29.17 13.40 -5.57
C GLU B 399 28.75 14.76 -6.16
N ASP B 400 28.67 14.87 -7.49
CA ASP B 400 28.35 16.16 -8.18
C ASP B 400 27.12 15.97 -9.05
N ASP B 401 26.98 14.78 -9.64
CA ASP B 401 25.94 14.45 -10.63
C ASP B 401 24.77 13.77 -9.90
N ILE B 402 24.81 13.82 -8.56
CA ILE B 402 23.96 13.02 -7.62
C ILE B 402 23.23 14.01 -6.70
N GLU B 403 21.89 13.95 -6.67
CA GLU B 403 21.03 14.79 -5.79
C GLU B 403 20.04 13.87 -5.04
N GLU B 404 20.01 13.99 -3.71
CA GLU B 404 19.25 13.14 -2.75
C GLU B 404 18.12 13.96 -2.14
N TYR B 405 16.92 13.88 -2.73
CA TYR B 405 15.66 14.53 -2.24
C TYR B 405 14.85 13.56 -1.37
N LEU B 406 14.53 13.93 -0.13
CA LEU B 406 13.91 12.98 0.82
C LEU B 406 13.11 13.75 1.86
N SER B 407 12.31 13.02 2.64
CA SER B 407 11.37 13.51 3.67
C SER B 407 11.16 12.43 4.74
N GLU B 408 11.34 12.78 6.02
CA GLU B 408 10.99 11.89 7.16
C GLU B 408 9.72 12.44 7.77
N PHE B 409 8.77 11.56 8.12
CA PHE B 409 7.38 11.91 8.48
C PHE B 409 6.69 10.66 9.03
N SER B 410 5.54 10.82 9.70
CA SER B 410 4.71 9.72 10.22
C SER B 410 3.37 9.66 9.48
N THR B 411 2.94 8.45 9.12
CA THR B 411 1.64 8.19 8.44
C THR B 411 0.53 8.63 9.40
N LEU B 412 -0.50 9.29 8.88
CA LEU B 412 -1.47 10.13 9.64
C LEU B 412 -2.17 9.27 10.69
N GLU B 413 -2.54 8.05 10.32
CA GLU B 413 -3.26 7.10 11.21
C GLU B 413 -2.42 6.96 12.48
N ILE B 414 -1.13 6.73 12.30
CA ILE B 414 -0.18 6.42 13.42
C ILE B 414 0.15 7.75 14.14
N ALA B 415 0.35 8.86 13.43
CA ALA B 415 0.39 10.21 14.04
C ALA B 415 -0.70 10.37 15.10
N ALA B 416 -1.95 9.95 14.85
CA ALA B 416 -3.10 10.18 15.78
C ALA B 416 -3.01 9.26 17.01
N ALA B 417 -2.43 8.07 16.82
CA ALA B 417 -2.34 7.01 17.84
C ALA B 417 -1.35 7.44 18.93
N HIS B 418 -0.38 8.29 18.57
CA HIS B 418 0.76 8.68 19.43
C HIS B 418 1.38 7.41 20.01
N ARG B 419 1.90 6.52 19.17
CA ARG B 419 2.58 5.27 19.64
C ARG B 419 3.77 5.68 20.50
N GLU B 420 3.92 5.10 21.70
CA GLU B 420 5.00 5.45 22.67
C GLU B 420 5.89 4.24 22.98
N LYS B 421 7.15 4.51 23.38
CA LYS B 421 8.19 3.49 23.69
C LYS B 421 7.79 2.77 24.95
N PRO B 422 8.11 1.47 25.10
CA PRO B 422 8.15 0.82 26.41
C PRO B 422 9.06 1.58 27.40
N GLU B 423 8.67 1.59 28.69
CA GLU B 423 9.28 2.41 29.77
C GLU B 423 10.79 2.20 29.85
N HIS B 424 11.24 0.94 29.86
CA HIS B 424 12.65 0.53 30.12
C HIS B 424 13.63 1.15 29.13
N LEU B 425 13.13 1.81 28.07
CA LEU B 425 13.98 2.46 27.03
C LEU B 425 13.81 3.99 27.09
N ARG B 426 13.15 4.52 28.11
CA ARG B 426 13.05 5.98 28.37
C ARG B 426 14.35 6.42 29.07
N GLU B 427 14.98 7.48 28.55
CA GLU B 427 16.23 8.08 29.11
C GLU B 427 15.94 9.50 29.61
N ASN B 428 14.86 10.15 29.15
CA ASN B 428 14.44 11.48 29.65
C ASN B 428 12.92 11.60 29.56
N GLU B 429 12.38 12.81 29.71
CA GLU B 429 10.94 13.10 29.96
C GLU B 429 10.20 13.42 28.64
N MET B 430 10.90 13.82 27.57
CA MET B 430 10.31 13.93 26.20
C MET B 430 10.96 12.88 25.29
N ASP B 431 11.09 11.65 25.81
CA ASP B 431 11.79 10.48 25.20
C ASP B 431 10.77 9.43 24.79
N PHE B 432 9.50 9.82 24.76
CA PHE B 432 8.29 8.96 24.66
C PHE B 432 8.22 8.31 23.27
N ALA B 433 8.59 9.11 22.26
CA ALA B 433 8.39 8.90 20.83
C ALA B 433 9.01 7.58 20.37
N LEU B 434 8.24 6.76 19.63
CA LEU B 434 8.81 5.85 18.60
C LEU B 434 9.23 6.74 17.43
N PRO B 435 10.26 6.37 16.65
CA PRO B 435 10.65 7.17 15.50
C PRO B 435 9.50 7.29 14.50
N LEU B 436 9.41 8.43 13.81
CA LEU B 436 8.61 8.55 12.56
C LEU B 436 8.73 7.21 11.83
N ASN B 437 7.65 6.67 11.30
CA ASN B 437 7.68 5.33 10.65
C ASN B 437 8.09 5.47 9.19
N CYS B 438 8.00 6.65 8.57
CA CYS B 438 8.16 6.74 7.10
C CYS B 438 9.44 7.52 6.72
N LEU B 439 10.21 7.03 5.75
CA LEU B 439 11.23 7.84 5.03
C LEU B 439 11.08 7.57 3.54
N ALA B 440 10.70 8.57 2.75
CA ALA B 440 10.81 8.55 1.26
C ALA B 440 12.10 9.21 0.78
N LYS B 441 12.68 8.71 -0.31
CA LYS B 441 13.91 9.26 -0.95
C LYS B 441 13.86 9.03 -2.47
N LEU B 442 14.14 10.04 -3.29
CA LEU B 442 14.53 9.84 -4.72
C LEU B 442 16.02 10.18 -4.90
N VAL B 443 16.80 9.27 -5.49
CA VAL B 443 18.17 9.53 -6.01
C VAL B 443 18.10 9.70 -7.54
N VAL B 444 18.60 10.83 -8.06
CA VAL B 444 18.55 11.22 -9.50
C VAL B 444 19.90 11.81 -9.95
N VAL B 445 20.03 12.03 -11.28
CA VAL B 445 21.30 12.33 -12.01
C VAL B 445 21.19 13.72 -12.64
N LYS B 446 21.92 14.68 -12.07
CA LYS B 446 22.00 16.09 -12.52
C LYS B 446 22.18 16.13 -14.04
N SER B 447 23.09 15.31 -14.58
CA SER B 447 23.58 15.40 -15.98
C SER B 447 22.67 14.64 -16.95
N GLN B 448 21.58 14.03 -16.47
CA GLN B 448 20.53 13.42 -17.32
C GLN B 448 19.17 14.03 -16.92
N GLY B 449 19.14 15.35 -16.75
CA GLY B 449 17.93 16.14 -16.41
C GLY B 449 17.32 15.68 -15.11
N GLU B 450 18.13 15.25 -14.15
CA GLU B 450 17.68 14.65 -12.86
C GLU B 450 16.87 13.38 -13.14
N LYS B 451 17.33 12.50 -14.05
CA LYS B 451 16.70 11.18 -14.29
C LYS B 451 16.81 10.37 -13.00
N VAL B 452 15.76 9.61 -12.66
CA VAL B 452 15.69 8.88 -11.37
C VAL B 452 16.30 7.48 -11.51
N VAL B 453 17.34 7.23 -10.70
CA VAL B 453 18.17 5.99 -10.65
C VAL B 453 17.96 5.26 -9.31
N GLY B 454 17.33 5.90 -8.32
CA GLY B 454 17.09 5.31 -6.98
C GLY B 454 15.69 5.65 -6.46
N PHE B 455 14.87 4.65 -6.14
CA PHE B 455 13.56 4.87 -5.46
C PHE B 455 13.54 4.07 -4.14
N HIS B 456 13.33 4.72 -3.00
CA HIS B 456 13.46 4.09 -1.67
C HIS B 456 12.33 4.56 -0.76
N PHE B 457 11.67 3.62 -0.09
CA PHE B 457 10.55 3.97 0.82
C PHE B 457 10.58 3.06 2.03
N VAL B 458 10.65 3.65 3.22
CA VAL B 458 10.54 2.93 4.51
C VAL B 458 9.15 3.28 5.05
N GLY B 459 8.31 2.27 5.20
CA GLY B 459 7.06 2.46 5.97
C GLY B 459 6.15 1.24 5.91
N PRO B 460 4.86 1.46 6.21
CA PRO B 460 3.85 0.41 6.14
C PRO B 460 3.60 0.29 4.64
N ASN B 461 3.12 -0.87 4.19
CA ASN B 461 2.68 -1.05 2.79
C ASN B 461 3.75 -0.50 1.83
N ALA B 462 5.02 -0.69 2.18
CA ALA B 462 6.14 -0.61 1.22
C ALA B 462 6.11 -1.95 0.48
N GLY B 463 6.45 -1.96 -0.80
CA GLY B 463 6.08 -3.06 -1.73
C GLY B 463 4.77 -2.72 -2.42
N GLU B 464 3.67 -2.68 -1.67
CA GLU B 464 2.39 -2.11 -2.17
C GLU B 464 2.68 -0.74 -2.80
N ILE B 465 3.45 0.12 -2.13
CA ILE B 465 3.87 1.44 -2.70
C ILE B 465 4.97 1.26 -3.78
N THR B 466 5.98 0.43 -3.51
CA THR B 466 7.25 0.44 -4.26
C THR B 466 7.02 -0.04 -5.67
N GLN B 467 6.07 -0.96 -5.86
CA GLN B 467 5.86 -1.73 -7.13
C GLN B 467 5.47 -0.76 -8.24
N GLY B 468 4.27 -0.18 -8.19
CA GLY B 468 3.88 0.86 -9.18
C GLY B 468 5.05 1.74 -9.59
N PHE B 469 5.70 2.36 -8.61
CA PHE B 469 6.85 3.30 -8.74
C PHE B 469 8.06 2.58 -9.36
N SER B 470 8.33 1.30 -9.08
CA SER B 470 9.40 0.56 -9.82
C SER B 470 9.25 0.75 -11.34
N LEU B 471 8.06 0.51 -11.90
CA LEU B 471 7.83 0.59 -13.37
C LEU B 471 7.99 2.03 -13.88
N ALA B 472 7.54 3.05 -13.13
CA ALA B 472 7.57 4.44 -13.61
C ALA B 472 9.03 4.83 -13.77
N VAL B 473 9.80 4.63 -12.70
CA VAL B 473 11.29 4.76 -12.69
C VAL B 473 11.79 4.06 -13.95
N LYS B 474 11.56 2.74 -14.10
CA LYS B 474 12.06 1.96 -15.27
C LYS B 474 11.73 2.65 -16.59
N LEU B 475 10.58 3.34 -16.69
CA LEU B 475 10.16 4.00 -17.96
C LEU B 475 10.82 5.38 -18.09
N GLY B 476 11.62 5.77 -17.08
CA GLY B 476 12.46 6.98 -17.13
C GLY B 476 11.71 8.18 -16.59
N ALA B 477 11.12 8.02 -15.42
CA ALA B 477 10.67 9.13 -14.55
C ALA B 477 11.88 10.00 -14.21
N THR B 478 11.66 11.31 -14.23
CA THR B 478 12.58 12.38 -13.81
C THR B 478 11.99 13.03 -12.57
N LYS B 479 12.77 13.80 -11.83
CA LYS B 479 12.24 14.60 -10.69
C LYS B 479 11.09 15.48 -11.19
N LYS B 480 11.16 16.01 -12.41
CA LYS B 480 10.09 16.93 -12.89
C LYS B 480 8.78 16.15 -13.07
N ASP B 481 8.82 14.96 -13.68
CA ASP B 481 7.66 14.04 -13.83
C ASP B 481 7.03 13.75 -12.45
N PHE B 482 7.88 13.51 -11.45
CA PHE B 482 7.45 13.22 -10.06
C PHE B 482 6.74 14.42 -9.46
N ASP B 483 7.26 15.64 -9.62
CA ASP B 483 6.69 16.88 -8.99
C ASP B 483 5.42 17.34 -9.70
N ASP B 484 5.20 16.90 -10.95
CA ASP B 484 4.00 17.17 -11.76
C ASP B 484 2.96 16.08 -11.53
N MET B 485 3.36 14.97 -10.92
CA MET B 485 2.46 13.88 -10.39
C MET B 485 1.42 14.55 -9.49
N ILE B 486 0.14 14.31 -9.79
CA ILE B 486 -1.03 14.61 -8.93
C ILE B 486 -1.13 13.50 -7.89
N GLY B 487 -1.47 13.87 -6.64
CA GLY B 487 -1.45 12.97 -5.49
C GLY B 487 -2.83 12.43 -5.11
N ILE B 488 -2.84 11.32 -4.36
CA ILE B 488 -4.05 10.70 -3.77
C ILE B 488 -3.92 11.00 -2.28
N HIS B 489 -4.98 11.51 -1.66
CA HIS B 489 -4.89 12.02 -0.29
C HIS B 489 -6.06 11.43 0.49
N PRO B 490 -5.83 10.87 1.70
CA PRO B 490 -4.55 10.87 2.39
C PRO B 490 -3.80 9.53 2.30
N THR B 491 -2.63 9.53 1.65
CA THR B 491 -1.75 8.37 1.50
C THR B 491 -0.36 8.76 2.00
N ASP B 492 0.47 7.77 2.30
CA ASP B 492 1.92 7.98 2.49
C ASP B 492 2.57 8.16 1.11
N ALA B 493 2.05 7.52 0.07
CA ALA B 493 2.80 7.49 -1.21
C ALA B 493 2.83 8.88 -1.83
N GLU B 494 1.92 9.81 -1.48
CA GLU B 494 1.82 11.13 -2.16
C GLU B 494 3.06 11.98 -1.81
N VAL B 495 3.78 11.64 -0.74
CA VAL B 495 5.04 12.35 -0.33
C VAL B 495 5.97 12.43 -1.55
N PHE B 496 5.92 11.44 -2.45
CA PHE B 496 6.78 11.43 -3.65
C PHE B 496 6.43 12.55 -4.63
N GLY B 497 5.34 13.30 -4.43
CA GLY B 497 4.98 14.40 -5.34
C GLY B 497 5.41 15.74 -4.80
N ILE B 498 6.07 15.78 -3.64
CA ILE B 498 6.42 17.05 -2.93
C ILE B 498 7.74 16.95 -2.16
N LEU B 499 8.65 16.05 -2.53
CA LEU B 499 10.02 16.05 -1.98
C LEU B 499 10.79 17.27 -2.51
N GLU B 500 11.23 18.18 -1.63
CA GLU B 500 11.99 19.43 -2.03
C GLU B 500 13.33 19.55 -1.29
N VAL B 501 13.42 19.21 -0.01
CA VAL B 501 14.67 19.23 0.81
C VAL B 501 15.71 18.33 0.11
N THR B 502 17.02 18.55 0.36
CA THR B 502 18.12 17.71 -0.19
C THR B 502 19.22 17.48 0.86
N LYS B 503 19.92 16.34 0.77
CA LYS B 503 21.07 15.98 1.64
C LYS B 503 22.13 17.06 1.48
N ARG B 504 22.37 17.48 0.23
CA ARG B 504 23.38 18.48 -0.14
C ARG B 504 23.04 19.85 0.49
N SER B 505 21.76 20.24 0.55
CA SER B 505 21.31 21.55 1.10
C SER B 505 21.51 21.56 2.64
N GLY B 506 21.64 20.39 3.27
CA GLY B 506 22.05 20.23 4.68
C GLY B 506 20.91 20.51 5.65
N GLU B 507 19.76 20.96 5.15
CA GLU B 507 18.57 21.35 5.95
C GLU B 507 17.89 20.14 6.59
N SER B 508 17.01 20.40 7.57
CA SER B 508 16.04 19.44 8.17
C SER B 508 15.08 18.92 7.09
N PHE B 509 14.97 17.59 7.01
CA PHE B 509 14.00 16.83 6.19
C PHE B 509 12.92 16.19 7.11
N VAL B 510 12.55 16.87 8.19
CA VAL B 510 11.47 16.41 9.14
C VAL B 510 10.17 17.15 8.80
N SER B 511 9.02 16.53 9.11
CA SER B 511 7.65 16.92 8.68
C SER B 511 7.21 18.26 9.27
N SER B 512 7.02 19.26 8.40
CA SER B 512 6.43 20.59 8.68
C SER B 512 5.31 20.50 9.72
N GLY B 513 4.46 19.47 9.63
CA GLY B 513 3.37 19.20 10.60
C GLY B 513 3.31 17.73 10.98
N GLY B 514 2.53 16.93 10.24
CA GLY B 514 2.26 15.50 10.50
C GLY B 514 0.80 15.29 10.10
N CYS B 515 0.53 15.39 8.79
CA CYS B 515 -0.83 15.48 8.19
C CYS B 515 -1.00 14.31 7.20
N GLY B 516 -0.43 13.16 7.54
CA GLY B 516 -0.41 11.95 6.69
C GLY B 516 0.98 11.71 6.14
N GLY B 517 1.11 11.58 4.81
CA GLY B 517 2.36 11.75 4.04
C GLY B 517 2.34 13.04 3.22
N GLY B 518 1.16 13.67 3.12
CA GLY B 518 0.91 14.81 2.21
C GLY B 518 0.21 15.96 2.92
N LYS B 519 0.35 17.17 2.38
CA LYS B 519 -0.19 18.42 3.00
C LYS B 519 -1.58 18.74 2.41
N CYS B 520 -2.52 19.14 3.27
CA CYS B 520 -3.88 19.63 2.89
C CYS B 520 -3.82 21.12 2.55
N GLY B 521 -2.80 21.54 1.79
CA GLY B 521 -2.68 22.91 1.26
C GLY B 521 -1.28 23.46 1.43
PA FAD C . -12.08 23.67 1.34
O1A FAD C . -13.38 23.17 0.82
O2A FAD C . -10.98 22.71 1.66
O5B FAD C . -12.31 24.73 2.57
C5B FAD C . -13.09 25.97 2.31
C4B FAD C . -12.80 27.06 3.32
O4B FAD C . -13.24 28.35 2.79
C3B FAD C . -13.52 26.94 4.67
O3B FAD C . -12.63 26.55 5.72
C2B FAD C . -14.05 28.34 4.98
O2B FAD C . -13.62 28.71 6.27
C1B FAD C . -13.48 29.22 3.87
N9A FAD C . -14.41 30.28 3.43
C8A FAD C . -15.60 30.11 2.74
N7A FAD C . -16.22 31.22 2.49
C5A FAD C . -15.39 32.20 3.03
C6A FAD C . -15.50 33.61 3.07
N6A FAD C . -16.50 34.29 2.54
N1A FAD C . -14.50 34.28 3.70
C2A FAD C . -13.49 33.59 4.24
N3A FAD C . -13.28 32.27 4.25
C4A FAD C . -14.28 31.63 3.62
N1 FAD C . -10.21 15.16 -0.90
C2 FAD C . -9.15 14.38 -1.12
O2 FAD C . -8.24 14.76 -1.90
N3 FAD C . -9.02 13.16 -0.55
C4 FAD C . -9.98 12.67 0.31
O4 FAD C . -9.86 11.55 0.81
C4X FAD C . -11.08 13.44 0.57
N5 FAD C . -11.98 12.97 1.37
C5X FAD C . -13.08 13.78 1.63
C6 FAD C . -14.07 13.31 2.52
C7 FAD C . -15.17 14.07 2.81
C7M FAD C . -16.21 13.54 3.77
C8 FAD C . -15.31 15.35 2.25
C8M FAD C . -16.51 16.20 2.54
C9 FAD C . -14.37 15.81 1.36
C9A FAD C . -13.22 15.06 1.05
N10 FAD C . -12.24 15.50 0.18
C10 FAD C . -11.14 14.72 -0.08
C1' FAD C . -12.42 16.78 -0.53
C2' FAD C . -11.66 17.91 0.09
O2' FAD C . -12.27 18.17 1.33
C3' FAD C . -11.79 19.13 -0.82
O3' FAD C . -11.34 18.76 -2.16
C4' FAD C . -11.00 20.33 -0.29
O4' FAD C . -11.29 20.54 1.10
C5' FAD C . -11.27 21.58 -1.12
O5' FAD C . -10.39 22.66 -0.65
P FAD C . -10.69 24.21 -1.07
O1P FAD C . -9.43 25.00 -0.97
O2P FAD C . -11.50 24.27 -2.34
O3P FAD C . -11.57 24.61 0.19
PA FAD D . 13.39 -22.98 -4.35
O1A FAD D . 13.96 -23.17 -2.97
O2A FAD D . 12.24 -22.04 -4.50
O5B FAD D . 12.94 -24.41 -4.94
C5B FAD D . 13.91 -25.41 -5.25
C4B FAD D . 13.30 -26.76 -4.96
O4B FAD D . 14.21 -27.80 -5.40
C3B FAD D . 13.01 -27.06 -3.49
O3B FAD D . 11.69 -27.55 -3.32
C2B FAD D . 14.06 -28.13 -3.14
O2B FAD D . 13.77 -28.97 -2.05
C1B FAD D . 14.08 -28.86 -4.47
N9A FAD D . 15.16 -29.79 -4.64
C8A FAD D . 16.46 -29.66 -4.16
N7A FAD D . 17.24 -30.64 -4.57
C5A FAD D . 16.41 -31.44 -5.38
C6A FAD D . 16.64 -32.62 -6.13
N6A FAD D . 17.82 -33.24 -6.19
N1A FAD D . 15.61 -33.11 -6.85
C2A FAD D . 14.43 -32.48 -6.80
N3A FAD D . 14.09 -31.38 -6.13
C4A FAD D . 15.14 -30.90 -5.44
N1 FAD D . 11.94 -13.67 -2.35
C2 FAD D . 11.16 -12.59 -2.63
O2 FAD D . 11.11 -12.09 -3.78
N3 FAD D . 10.42 -12.00 -1.66
C4 FAD D . 10.38 -12.47 -0.37
O4 FAD D . 9.68 -11.92 0.50
C4X FAD D . 11.17 -13.54 -0.05
N5 FAD D . 11.16 -13.95 1.18
C5X FAD D . 11.95 -15.01 1.52
C6 FAD D . 11.92 -15.41 2.87
C7 FAD D . 12.68 -16.46 3.33
C7M FAD D . 12.60 -16.86 4.77
C8 FAD D . 13.51 -17.16 2.39
C8M FAD D . 14.31 -18.34 2.88
C9 FAD D . 13.54 -16.76 1.04
C9A FAD D . 12.77 -15.68 0.60
N10 FAD D . 12.76 -15.22 -0.73
C10 FAD D . 11.96 -14.12 -1.11
C1' FAD D . 13.60 -15.85 -1.76
C2' FAD D . 12.85 -16.84 -2.59
O2' FAD D . 12.24 -17.84 -1.74
C3' FAD D . 13.82 -17.54 -3.53
O3' FAD D . 14.67 -16.62 -4.24
C4' FAD D . 13.11 -18.39 -4.58
O4' FAD D . 11.95 -18.97 -3.97
C5' FAD D . 14.08 -19.40 -5.15
O5' FAD D . 13.40 -20.32 -6.04
P FAD D . 14.21 -21.54 -6.64
O1P FAD D . 13.29 -22.16 -7.64
O2P FAD D . 15.54 -20.99 -7.05
O3P FAD D . 14.48 -22.48 -5.39
#